data_2NP6
#
_entry.id   2NP6
#
_cell.length_a   59.342
_cell.length_b   68.817
_cell.length_c   114.196
_cell.angle_alpha   90.00
_cell.angle_beta   92.22
_cell.angle_gamma   90.00
#
_symmetry.space_group_name_H-M   'P 1 21 1'
#
loop_
_entity.id
_entity.type
_entity.pdbx_description
1 polymer "5'-D(*GP*TP*TP*CP*GP*(3DR)P*TP*GP*TP*C)-3'"
2 polymer "5'-D(*GP*AP*CP*AP*TP*CP*GP*(6MA)P*AP*C)-3'"
3 polymer 'Modification methylase TaqI'
4 non-polymer 'ISOPROPYL ALCOHOL'
5 non-polymer "5'-DEOXY-5'-[2-(AMINO)ETHYLTHIO]ADENOSINE"
6 non-polymer GLYCEROL
7 water water
#
loop_
_entity_poly.entity_id
_entity_poly.type
_entity_poly.pdbx_seq_one_letter_code
_entity_poly.pdbx_strand_id
1 'polydeoxyribonucleotide' (DG)(DT)(DT)(DC)(DG)(3DR)(DT)(DG)(DT)(DC) B,E
2 'polydeoxyribonucleotide' (DG)(DA)(DC)(DA)(DT)(DC)(DG)(6MA)(DA)(DC) C,F
3 'polypeptide(L)'
;MGLPPLLSLPSNSAPRSLGRVETPPEVVDFMVSLAEAPRGGRVLEPACAHGPFLRAFREAHGTAYRFVGVEIDPKALDLP
PWAEGILADFLLWEPGEAFDLILGNPPYGIVGEASKYPIHVFKAVKDLYKKAFSTWKGKYNLYGAFLEKAVRLLKPGGVL
VFVVPATWLVLEDFALLREFLAREGKTSVYYLGEVFPQKKVSAVVIRFQKSGKGLSLWDTQESESGFTPILWAEYPHWEG
EIIRFETEETRKLEISGMPLGDLFHIRFAARSPEFKKHPAVRKEPGPGLVPVLTGRNLKPGWVDYEKNHSGLWMPKERAK
ELRDFYATPHLVVAHTKGTRVVAAWDERAYPWREEFHLLPKEGVRLDPSSLVQWLNSEAMQKHVRTLYRDFVPHLTLRML
ERLPVRREYGFHTSPESARNF
;
A,D
#
# COMPACT_ATOMS: atom_id res chain seq x y z
N ARG E 20 -6.39 11.06 -1.22
CA ARG E 20 -7.79 10.69 -1.63
C ARG E 20 -8.06 10.98 -3.13
N VAL E 21 -6.98 10.96 -3.91
CA VAL E 21 -7.00 10.37 -5.23
C VAL E 21 -6.14 9.12 -5.05
N GLU E 22 -5.57 9.03 -3.85
CA GLU E 22 -4.96 7.81 -3.34
C GLU E 22 -5.50 7.37 -1.99
N THR E 23 -5.70 6.07 -1.87
CA THR E 23 -6.16 5.41 -0.67
C THR E 23 -4.92 4.88 0.05
N PRO E 24 -4.80 5.15 1.37
CA PRO E 24 -3.72 4.59 2.17
C PRO E 24 -3.68 3.06 2.10
N PRO E 25 -2.48 2.46 1.98
CA PRO E 25 -2.35 1.00 1.85
C PRO E 25 -3.17 0.22 2.87
N GLU E 26 -3.24 0.67 4.12
CA GLU E 26 -3.97 -0.05 5.17
C GLU E 26 -5.48 0.01 4.99
N VAL E 27 -5.98 1.08 4.37
CA VAL E 27 -7.38 1.15 3.99
C VAL E 27 -7.65 0.16 2.86
N VAL E 28 -6.85 0.23 1.79
CA VAL E 28 -6.92 -0.76 0.69
C VAL E 28 -6.96 -2.20 1.23
N ASP E 29 -5.98 -2.54 2.07
CA ASP E 29 -5.85 -3.87 2.68
C ASP E 29 -7.06 -4.27 3.53
N PHE E 30 -7.55 -3.33 4.33
CA PHE E 30 -8.78 -3.54 5.12
C PHE E 30 -9.94 -3.93 4.22
N MET E 31 -10.14 -3.14 3.17
CA MET E 31 -11.19 -3.38 2.18
C MET E 31 -11.05 -4.72 1.47
N VAL E 32 -9.82 -5.06 1.09
CA VAL E 32 -9.53 -6.34 0.44
C VAL E 32 -9.90 -7.51 1.37
N SER E 33 -9.62 -7.36 2.67
CA SER E 33 -10.01 -8.35 3.68
C SER E 33 -11.53 -8.56 3.81
N LEU E 34 -12.31 -7.60 3.32
CA LEU E 34 -13.77 -7.72 3.33
C LEU E 34 -14.31 -8.25 1.99
N ALA E 35 -13.46 -8.22 0.97
CA ALA E 35 -13.85 -8.57 -0.39
C ALA E 35 -13.86 -10.08 -0.63
N GLU E 36 -14.87 -10.53 -1.37
CA GLU E 36 -15.02 -11.93 -1.76
C GLU E 36 -15.40 -12.04 -3.22
N ALA E 37 -14.85 -13.06 -3.87
CA ALA E 37 -15.20 -13.37 -5.25
C ALA E 37 -15.05 -14.88 -5.49
N PRO E 38 -15.97 -15.47 -6.29
CA PRO E 38 -15.79 -16.86 -6.71
C PRO E 38 -14.65 -17.02 -7.71
N ARG E 39 -14.13 -18.25 -7.82
CA ARG E 39 -13.08 -18.58 -8.76
C ARG E 39 -13.51 -18.25 -10.20
N GLY E 40 -12.63 -17.56 -10.93
CA GLY E 40 -12.91 -17.12 -12.29
C GLY E 40 -13.86 -15.92 -12.34
N GLY E 41 -14.28 -15.47 -11.17
CA GLY E 41 -15.29 -14.42 -11.05
C GLY E 41 -14.82 -13.06 -11.53
N ARG E 42 -15.77 -12.23 -11.91
CA ARG E 42 -15.47 -10.90 -12.47
C ARG E 42 -15.30 -9.84 -11.37
N VAL E 43 -14.13 -9.21 -11.36
CA VAL E 43 -13.74 -8.22 -10.36
C VAL E 43 -13.47 -6.85 -11.02
N LEU E 44 -14.18 -5.83 -10.56
CA LEU E 44 -14.08 -4.49 -11.15
C LEU E 44 -13.57 -3.42 -10.18
N GLU E 45 -12.70 -2.57 -10.70
CA GLU E 45 -12.39 -1.29 -10.04
C GLU E 45 -12.83 -0.11 -10.92
N PRO E 46 -13.88 0.61 -10.50
CA PRO E 46 -14.26 1.88 -11.13
C PRO E 46 -13.30 2.99 -10.71
N ALA E 47 -13.10 3.97 -11.59
CA ALA E 47 -12.18 5.09 -11.33
C ALA E 47 -10.82 4.57 -10.88
N CYS E 48 -10.32 3.57 -11.61
CA CYS E 48 -9.15 2.79 -11.18
C CYS E 48 -7.79 3.49 -11.28
N ALA E 49 -7.64 4.35 -12.29
CA ALA E 49 -6.32 4.84 -12.70
C ALA E 49 -5.36 3.67 -12.87
N HIS E 50 -4.35 3.56 -12.02
CA HIS E 50 -3.39 2.46 -12.09
C HIS E 50 -3.87 1.14 -11.47
N GLY E 51 -5.04 1.19 -10.82
CA GLY E 51 -5.70 0.00 -10.26
C GLY E 51 -5.12 -0.62 -9.00
N PRO E 52 -4.96 0.16 -7.90
CA PRO E 52 -4.33 -0.42 -6.72
C PRO E 52 -5.21 -1.44 -5.99
N PHE E 53 -6.53 -1.37 -6.16
CA PHE E 53 -7.44 -2.33 -5.55
C PHE E 53 -7.42 -3.69 -6.26
N LEU E 54 -7.36 -3.67 -7.58
CA LEU E 54 -7.18 -4.88 -8.39
C LEU E 54 -5.84 -5.57 -8.09
N ARG E 55 -4.78 -4.75 -7.96
CA ARG E 55 -3.44 -5.25 -7.65
C ARG E 55 -3.39 -5.91 -6.26
N ALA E 56 -3.96 -5.23 -5.28
CA ALA E 56 -4.02 -5.73 -3.91
C ALA E 56 -4.87 -7.01 -3.78
N PHE E 57 -5.99 -7.08 -4.50
CA PHE E 57 -6.87 -8.25 -4.45
C PHE E 57 -6.19 -9.47 -5.06
N ARG E 58 -5.50 -9.24 -6.18
CA ARG E 58 -4.70 -10.28 -6.86
C ARG E 58 -3.54 -10.80 -6.00
N GLU E 59 -2.79 -9.89 -5.37
CA GLU E 59 -1.73 -10.29 -4.43
C GLU E 59 -2.28 -11.17 -3.32
N ALA E 60 -3.49 -10.85 -2.86
CA ALA E 60 -4.09 -11.48 -1.69
C ALA E 60 -4.84 -12.78 -2.00
N HIS E 61 -5.50 -12.85 -3.17
CA HIS E 61 -6.39 -13.96 -3.50
C HIS E 61 -6.01 -14.76 -4.75
N GLY E 62 -4.95 -14.36 -5.44
CA GLY E 62 -4.52 -15.04 -6.66
C GLY E 62 -5.01 -14.46 -7.98
N THR E 63 -4.79 -15.22 -9.06
CA THR E 63 -4.94 -14.73 -10.41
C THR E 63 -6.17 -15.26 -11.16
N ALA E 64 -6.81 -16.29 -10.63
CA ALA E 64 -7.96 -16.90 -11.32
C ALA E 64 -9.26 -16.12 -11.10
N TYR E 65 -9.28 -14.91 -11.66
CA TYR E 65 -10.42 -14.03 -11.69
C TYR E 65 -10.33 -13.23 -13.00
N ARG E 66 -11.43 -12.62 -13.42
CA ARG E 66 -11.41 -11.68 -14.55
C ARG E 66 -11.35 -10.25 -13.99
N PHE E 67 -10.19 -9.61 -14.15
CA PHE E 67 -9.93 -8.27 -13.59
C PHE E 67 -10.21 -7.16 -14.59
N VAL E 68 -11.05 -6.22 -14.18
CA VAL E 68 -11.50 -5.13 -15.05
C VAL E 68 -11.33 -3.75 -14.37
N GLY E 69 -10.79 -2.79 -15.12
CA GLY E 69 -10.64 -1.42 -14.62
C GLY E 69 -11.24 -0.36 -15.54
N VAL E 70 -12.17 0.43 -15.01
CA VAL E 70 -12.77 1.55 -15.77
C VAL E 70 -12.22 2.92 -15.33
N GLU E 71 -11.64 3.64 -16.28
CA GLU E 71 -11.05 4.94 -16.04
C GLU E 71 -11.43 5.95 -17.14
N ILE E 72 -11.73 7.19 -16.75
CA ILE E 72 -12.20 8.21 -17.71
C ILE E 72 -11.06 8.95 -18.41
N ASP E 73 -9.93 9.04 -17.72
CA ASP E 73 -8.79 9.84 -18.14
C ASP E 73 -7.63 8.95 -18.60
N PRO E 74 -7.30 8.99 -19.91
CA PRO E 74 -6.23 8.16 -20.48
C PRO E 74 -4.83 8.46 -19.93
N LYS E 75 -4.65 9.65 -19.35
CA LYS E 75 -3.43 9.98 -18.60
C LYS E 75 -3.31 9.19 -17.30
N ALA E 76 -4.45 8.79 -16.75
CA ALA E 76 -4.53 8.05 -15.48
C ALA E 76 -4.52 6.53 -15.64
N LEU E 77 -5.17 6.02 -16.68
CA LEU E 77 -5.25 4.57 -16.90
C LEU E 77 -3.87 3.93 -17.13
N ASP E 78 -3.53 2.97 -16.28
CA ASP E 78 -2.20 2.35 -16.23
C ASP E 78 -2.26 1.02 -15.48
N LEU E 79 -2.98 0.07 -16.06
CA LEU E 79 -3.15 -1.24 -15.46
C LEU E 79 -2.07 -2.20 -15.93
N PRO E 80 -1.79 -3.24 -15.11
CA PRO E 80 -0.92 -4.33 -15.52
C PRO E 80 -1.56 -5.07 -16.69
N PRO E 81 -0.73 -5.78 -17.49
CA PRO E 81 -1.28 -6.43 -18.68
C PRO E 81 -2.27 -7.56 -18.38
N TRP E 82 -2.29 -8.04 -17.12
CA TRP E 82 -3.25 -9.11 -16.74
C TRP E 82 -4.66 -8.59 -16.50
N ALA E 83 -4.82 -7.27 -16.44
CA ALA E 83 -6.12 -6.64 -16.24
C ALA E 83 -6.59 -5.97 -17.51
N GLU E 84 -7.90 -5.83 -17.63
CA GLU E 84 -8.52 -5.23 -18.80
C GLU E 84 -8.95 -3.80 -18.50
N GLY E 85 -8.34 -2.86 -19.22
CA GLY E 85 -8.60 -1.43 -19.03
C GLY E 85 -9.60 -0.87 -20.01
N ILE E 86 -10.56 -0.10 -19.48
CA ILE E 86 -11.65 0.45 -20.28
C ILE E 86 -11.72 1.95 -20.09
N LEU E 87 -11.55 2.70 -21.19
CA LEU E 87 -11.66 4.16 -21.15
C LEU E 87 -13.11 4.63 -21.33
N ALA E 88 -13.76 4.97 -20.22
CA ALA E 88 -15.15 5.39 -20.23
C ALA E 88 -15.53 6.13 -18.94
N ASP E 89 -16.69 6.78 -18.98
CA ASP E 89 -17.34 7.30 -17.79
C ASP E 89 -18.07 6.12 -17.16
N PHE E 90 -17.61 5.72 -15.97
CA PHE E 90 -18.20 4.60 -15.24
C PHE E 90 -19.71 4.75 -15.10
N LEU E 91 -20.15 5.99 -14.86
CA LEU E 91 -21.55 6.32 -14.60
C LEU E 91 -22.45 6.20 -15.85
N LEU E 92 -21.88 6.31 -17.04
CA LEU E 92 -22.64 6.14 -18.30
C LEU E 92 -22.28 4.84 -19.04
N TRP E 93 -21.39 4.06 -18.44
CA TRP E 93 -20.84 2.85 -19.04
C TRP E 93 -21.81 1.68 -18.96
N GLU E 94 -21.97 0.97 -20.08
CA GLU E 94 -22.86 -0.18 -20.13
C GLU E 94 -22.10 -1.47 -20.47
N PRO E 95 -21.63 -2.18 -19.41
CA PRO E 95 -20.89 -3.43 -19.57
C PRO E 95 -21.75 -4.53 -20.19
N GLY E 96 -21.11 -5.48 -20.86
CA GLY E 96 -21.82 -6.62 -21.43
C GLY E 96 -22.44 -7.49 -20.35
N GLU E 97 -21.67 -7.69 -19.28
CA GLU E 97 -22.04 -8.59 -18.20
C GLU E 97 -21.80 -7.94 -16.84
N ALA E 98 -22.63 -8.33 -15.87
CA ALA E 98 -22.55 -7.86 -14.48
C ALA E 98 -21.35 -8.48 -13.77
N PHE E 99 -21.02 -7.96 -12.58
CA PHE E 99 -19.79 -8.34 -11.88
C PHE E 99 -20.04 -9.02 -10.53
N ASP E 100 -19.11 -9.87 -10.11
CA ASP E 100 -19.22 -10.59 -8.84
C ASP E 100 -18.74 -9.73 -7.68
N LEU E 101 -17.71 -8.93 -7.95
CA LEU E 101 -17.13 -8.03 -6.97
C LEU E 101 -16.82 -6.69 -7.62
N ILE E 102 -17.18 -5.63 -6.92
CA ILE E 102 -16.80 -4.27 -7.31
C ILE E 102 -16.16 -3.65 -6.07
N LEU E 103 -14.96 -3.10 -6.25
CA LEU E 103 -14.24 -2.45 -5.16
C LEU E 103 -13.51 -1.23 -5.64
N GLY E 104 -13.46 -0.22 -4.78
CA GLY E 104 -12.76 1.00 -5.15
C GLY E 104 -12.98 2.18 -4.24
N ASN E 105 -12.39 3.29 -4.67
CA ASN E 105 -12.50 4.56 -4.00
C ASN E 105 -13.09 5.51 -5.04
N PRO E 106 -14.41 5.75 -4.98
CA PRO E 106 -15.06 6.63 -5.95
C PRO E 106 -14.55 8.06 -5.86
N PRO E 107 -14.58 8.81 -6.99
CA PRO E 107 -14.40 10.26 -6.86
C PRO E 107 -15.54 10.86 -6.04
N TYR E 108 -15.22 11.82 -5.18
CA TYR E 108 -16.21 12.54 -4.37
C TYR E 108 -16.35 13.98 -4.87
N GLY E 109 -17.55 14.53 -4.76
CA GLY E 109 -17.74 15.97 -5.01
C GLY E 109 -19.10 16.30 -5.59
N ILE E 110 -19.50 17.55 -5.43
CA ILE E 110 -20.75 18.04 -6.01
C ILE E 110 -20.54 18.55 -7.44
N VAL E 111 -21.42 18.11 -8.33
CA VAL E 111 -21.49 18.62 -9.71
C VAL E 111 -22.22 19.96 -9.72
N GLY E 112 -21.49 21.01 -10.09
CA GLY E 112 -22.03 22.36 -10.11
C GLY E 112 -21.06 23.39 -10.67
N GLU E 113 -21.52 24.64 -10.70
CA GLU E 113 -20.73 25.78 -11.19
C GLU E 113 -19.38 25.86 -10.48
N ALA E 114 -18.32 26.02 -11.28
CA ALA E 114 -16.93 25.99 -10.83
C ALA E 114 -16.56 26.99 -9.74
N SER E 115 -17.40 28.01 -9.57
CA SER E 115 -17.15 29.05 -8.59
C SER E 115 -17.45 28.58 -7.16
N LYS E 116 -18.19 27.48 -7.04
CA LYS E 116 -18.67 27.01 -5.75
C LYS E 116 -18.45 25.50 -5.55
N TYR E 117 -18.54 24.73 -6.64
CA TYR E 117 -18.46 23.27 -6.55
C TYR E 117 -17.29 22.69 -7.38
N PRO E 118 -16.73 21.54 -6.94
CA PRO E 118 -15.53 20.93 -7.55
C PRO E 118 -15.71 20.11 -8.84
N ILE E 119 -16.90 19.57 -9.08
CA ILE E 119 -17.10 18.73 -10.28
C ILE E 119 -17.76 19.51 -11.42
N HIS E 120 -17.08 19.51 -12.58
CA HIS E 120 -17.46 20.38 -13.69
C HIS E 120 -17.66 19.57 -14.97
N VAL E 121 -18.94 19.36 -15.30
CA VAL E 121 -19.35 18.68 -16.52
C VAL E 121 -20.39 19.56 -17.23
N PHE E 122 -20.53 19.41 -18.54
CA PHE E 122 -21.60 20.10 -19.28
C PHE E 122 -22.95 19.79 -18.64
N LYS E 123 -23.90 20.73 -18.73
CA LYS E 123 -25.26 20.52 -18.19
C LYS E 123 -25.90 19.25 -18.75
N ALA E 124 -25.68 19.01 -20.04
CA ALA E 124 -26.25 17.84 -20.73
C ALA E 124 -25.77 16.50 -20.15
N VAL E 125 -24.52 16.47 -19.67
CA VAL E 125 -23.95 15.28 -19.01
C VAL E 125 -24.59 15.06 -17.63
N LYS E 126 -24.74 16.14 -16.85
CA LYS E 126 -25.38 16.06 -15.53
C LYS E 126 -26.86 15.67 -15.69
N ASP E 127 -27.48 16.17 -16.77
CA ASP E 127 -28.82 15.73 -17.14
C ASP E 127 -28.86 14.21 -17.33
N LEU E 128 -27.90 13.69 -18.10
CA LEU E 128 -27.69 12.24 -18.26
C LEU E 128 -27.48 11.48 -16.95
N TYR E 129 -26.73 12.06 -16.00
CA TYR E 129 -26.53 11.41 -14.69
C TYR E 129 -27.84 11.30 -13.92
N LYS E 130 -28.59 12.40 -13.92
CA LYS E 130 -29.86 12.50 -13.20
C LYS E 130 -30.90 11.51 -13.73
N LYS E 131 -30.88 11.27 -15.05
CA LYS E 131 -31.73 10.27 -15.70
C LYS E 131 -31.29 8.84 -15.35
N ALA E 132 -30.00 8.64 -15.17
CA ALA E 132 -29.46 7.30 -14.94
C ALA E 132 -29.66 6.83 -13.50
N PHE E 133 -29.73 7.77 -12.57
CA PHE E 133 -29.74 7.44 -11.14
C PHE E 133 -31.04 7.78 -10.41
N SER E 134 -31.70 6.72 -9.96
CA SER E 134 -32.92 6.82 -9.18
C SER E 134 -32.70 7.43 -7.79
N THR E 135 -31.46 7.38 -7.30
CA THR E 135 -31.15 7.91 -5.97
C THR E 135 -30.74 9.38 -5.99
N TRP E 136 -30.52 9.94 -7.19
CA TRP E 136 -30.10 11.34 -7.36
C TRP E 136 -31.10 12.26 -6.69
N LYS E 137 -30.64 13.00 -5.68
CA LYS E 137 -31.50 13.91 -4.94
C LYS E 137 -30.73 15.17 -4.54
N GLY E 138 -31.36 16.33 -4.76
CA GLY E 138 -30.76 17.64 -4.44
C GLY E 138 -29.57 17.99 -5.29
N LYS E 139 -28.52 18.51 -4.65
CA LYS E 139 -27.22 18.71 -5.30
C LYS E 139 -26.53 17.37 -5.49
N TYR E 140 -26.79 16.43 -4.58
CA TYR E 140 -26.22 15.08 -4.61
C TYR E 140 -24.69 15.11 -4.69
N ASN E 141 -24.10 14.00 -5.13
CA ASN E 141 -22.65 13.81 -5.07
C ASN E 141 -22.21 12.73 -6.06
N LEU E 142 -20.99 12.86 -6.58
CA LEU E 142 -20.41 11.81 -7.40
C LEU E 142 -20.34 10.46 -6.67
N TYR E 143 -19.96 10.47 -5.39
CA TYR E 143 -19.79 9.20 -4.66
C TYR E 143 -21.11 8.45 -4.46
N GLY E 144 -22.22 9.19 -4.37
CA GLY E 144 -23.56 8.61 -4.36
C GLY E 144 -23.93 7.96 -5.69
N ALA E 145 -23.67 8.66 -6.79
CA ALA E 145 -23.92 8.13 -8.14
C ALA E 145 -23.13 6.84 -8.41
N PHE E 146 -21.87 6.83 -7.98
CA PHE E 146 -20.97 5.68 -8.08
C PHE E 146 -21.44 4.46 -7.29
N LEU E 147 -22.00 4.71 -6.12
CA LEU E 147 -22.53 3.64 -5.30
C LEU E 147 -23.75 2.99 -5.96
N GLU E 148 -24.66 3.81 -6.50
CA GLU E 148 -25.83 3.27 -7.19
C GLU E 148 -25.44 2.56 -8.49
N LYS E 149 -24.55 3.18 -9.27
CA LYS E 149 -24.02 2.54 -10.48
C LYS E 149 -23.50 1.12 -10.19
N ALA E 150 -22.62 1.01 -9.20
CA ALA E 150 -21.99 -0.27 -8.83
C ALA E 150 -22.97 -1.35 -8.37
N VAL E 151 -23.93 -0.99 -7.52
CA VAL E 151 -24.96 -1.94 -7.06
C VAL E 151 -25.73 -2.48 -8.27
N ARG E 152 -25.99 -1.62 -9.25
CA ARG E 152 -26.72 -2.05 -10.45
C ARG E 152 -25.92 -2.95 -11.39
N LEU E 153 -24.60 -2.90 -11.28
CA LEU E 153 -23.70 -3.76 -12.10
C LEU E 153 -23.26 -5.03 -11.37
N LEU E 154 -23.84 -5.26 -10.19
CA LEU E 154 -23.63 -6.49 -9.44
C LEU E 154 -24.59 -7.57 -9.92
N LYS E 155 -24.08 -8.79 -10.06
CA LYS E 155 -24.90 -9.98 -10.22
C LYS E 155 -25.58 -10.21 -8.88
N PRO E 156 -26.72 -10.94 -8.86
CA PRO E 156 -27.26 -11.28 -7.54
C PRO E 156 -26.18 -12.01 -6.71
N GLY E 157 -26.13 -11.74 -5.42
CA GLY E 157 -25.12 -12.33 -4.55
C GLY E 157 -23.76 -11.66 -4.64
N GLY E 158 -23.65 -10.69 -5.56
CA GLY E 158 -22.41 -9.92 -5.74
C GLY E 158 -22.07 -9.03 -4.56
N VAL E 159 -20.79 -8.73 -4.43
CA VAL E 159 -20.32 -7.91 -3.32
C VAL E 159 -19.70 -6.60 -3.83
N LEU E 160 -19.92 -5.53 -3.06
CA LEU E 160 -19.33 -4.22 -3.28
C LEU E 160 -18.52 -3.81 -2.04
N VAL E 161 -17.29 -3.33 -2.23
CA VAL E 161 -16.50 -2.74 -1.13
C VAL E 161 -15.89 -1.40 -1.53
N PHE E 162 -16.50 -0.33 -1.03
CA PHE E 162 -16.14 1.05 -1.37
C PHE E 162 -15.70 1.81 -0.12
N VAL E 163 -14.80 2.78 -0.28
CA VAL E 163 -14.58 3.77 0.78
C VAL E 163 -15.15 5.12 0.31
N VAL E 164 -16.00 5.70 1.16
CA VAL E 164 -16.74 6.92 0.84
C VAL E 164 -16.81 7.80 2.10
N PRO E 165 -17.12 9.10 1.92
CA PRO E 165 -17.43 9.94 3.09
C PRO E 165 -18.58 9.34 3.89
N ALA E 166 -18.67 9.75 5.15
CA ALA E 166 -19.66 9.23 6.10
C ALA E 166 -21.00 9.95 6.00
N THR E 167 -21.02 11.07 5.27
CA THR E 167 -22.17 11.96 5.20
C THR E 167 -23.48 11.28 4.77
N TRP E 168 -23.42 10.23 3.95
CA TRP E 168 -24.62 9.49 3.54
C TRP E 168 -25.36 8.75 4.68
N LEU E 169 -24.71 8.60 5.85
CA LEU E 169 -25.34 7.93 6.98
C LEU E 169 -26.49 8.75 7.53
N VAL E 170 -26.36 10.08 7.42
CA VAL E 170 -27.24 11.04 8.10
C VAL E 170 -27.98 12.03 7.18
N LEU E 171 -27.36 12.42 6.07
CA LEU E 171 -27.88 13.55 5.26
C LEU E 171 -29.05 13.23 4.35
N GLU E 172 -29.96 14.20 4.23
CA GLU E 172 -31.16 14.12 3.39
C GLU E 172 -30.90 13.83 1.91
N ASP E 173 -29.89 14.46 1.33
CA ASP E 173 -29.52 14.20 -0.08
C ASP E 173 -29.40 12.71 -0.39
N PHE E 174 -29.08 11.93 0.64
CA PHE E 174 -28.79 10.50 0.52
C PHE E 174 -29.88 9.58 1.10
N ALA E 175 -31.09 10.11 1.28
CA ALA E 175 -32.19 9.33 1.84
C ALA E 175 -32.59 8.21 0.90
N LEU E 176 -32.66 8.54 -0.40
CA LEU E 176 -32.99 7.59 -1.46
C LEU E 176 -31.91 6.54 -1.69
N LEU E 177 -30.65 6.95 -1.57
CA LEU E 177 -29.51 6.02 -1.64
C LEU E 177 -29.60 4.98 -0.52
N ARG E 178 -29.91 5.43 0.69
CA ARG E 178 -30.09 4.55 1.86
C ARG E 178 -31.26 3.58 1.69
N GLU E 179 -32.38 4.08 1.18
CA GLU E 179 -33.56 3.26 0.92
C GLU E 179 -33.29 2.20 -0.14
N PHE E 180 -32.61 2.64 -1.20
CA PHE E 180 -32.13 1.79 -2.29
C PHE E 180 -31.27 0.63 -1.81
N LEU E 181 -30.28 0.92 -0.94
CA LEU E 181 -29.33 -0.08 -0.44
C LEU E 181 -30.02 -1.12 0.43
N ALA E 182 -30.92 -0.64 1.29
CA ALA E 182 -31.75 -1.50 2.14
C ALA E 182 -32.68 -2.40 1.32
N ARG E 183 -33.18 -1.87 0.22
CA ARG E 183 -34.07 -2.61 -0.69
C ARG E 183 -33.31 -3.57 -1.63
N GLU E 184 -32.06 -3.25 -1.96
CA GLU E 184 -31.30 -4.00 -2.95
C GLU E 184 -30.50 -5.18 -2.38
N GLY E 185 -30.40 -5.26 -1.06
CA GLY E 185 -29.63 -6.32 -0.40
C GLY E 185 -29.21 -5.98 1.02
N LYS E 186 -28.04 -6.49 1.42
CA LYS E 186 -27.56 -6.33 2.79
C LYS E 186 -26.33 -5.43 2.88
N THR E 187 -26.24 -4.67 3.98
CA THR E 187 -25.26 -3.61 4.13
C THR E 187 -24.45 -3.74 5.41
N SER E 188 -23.12 -3.65 5.27
CA SER E 188 -22.21 -3.52 6.41
C SER E 188 -21.49 -2.18 6.32
N VAL E 189 -21.54 -1.41 7.40
CA VAL E 189 -20.89 -0.10 7.44
C VAL E 189 -19.79 -0.10 8.49
N TYR E 190 -18.58 0.23 8.08
CA TYR E 190 -17.44 0.29 8.99
C TYR E 190 -16.94 1.73 9.07
N TYR E 191 -17.00 2.33 10.26
CA TYR E 191 -16.51 3.70 10.42
C TYR E 191 -14.98 3.75 10.51
N LEU E 192 -14.39 4.56 9.63
CA LEU E 192 -12.94 4.82 9.66
C LEU E 192 -12.63 6.20 10.24
N GLY E 193 -13.39 7.20 9.81
CA GLY E 193 -13.14 8.58 10.22
C GLY E 193 -12.17 9.31 9.30
N GLU E 194 -11.44 10.27 9.87
CA GLU E 194 -10.53 11.11 9.08
C GLU E 194 -9.22 10.40 8.75
N VAL E 195 -9.31 9.43 7.86
CA VAL E 195 -8.20 8.52 7.55
C VAL E 195 -7.43 8.91 6.28
N PHE E 196 -7.85 9.98 5.63
CA PHE E 196 -7.13 10.48 4.47
C PHE E 196 -6.26 11.68 4.85
N PRO E 197 -4.93 11.49 4.79
CA PRO E 197 -4.01 12.60 5.06
C PRO E 197 -4.29 13.79 4.12
N GLN E 198 -4.34 14.99 4.69
CA GLN E 198 -4.54 16.24 3.92
C GLN E 198 -5.89 16.38 3.18
N LYS E 199 -6.83 15.49 3.49
CA LYS E 199 -8.22 15.64 3.00
C LYS E 199 -9.21 15.73 4.16
N LYS E 200 -10.02 16.79 4.15
CA LYS E 200 -10.99 17.06 5.21
C LYS E 200 -12.28 16.27 5.01
N VAL E 201 -12.30 15.05 5.54
CA VAL E 201 -13.43 14.14 5.41
C VAL E 201 -13.36 13.04 6.46
N SER E 202 -14.53 12.68 7.00
CA SER E 202 -14.68 11.47 7.80
C SER E 202 -15.18 10.37 6.88
N ALA E 203 -14.50 9.23 6.91
CA ALA E 203 -14.75 8.17 5.94
C ALA E 203 -15.35 6.91 6.55
N VAL E 204 -16.15 6.22 5.74
CA VAL E 204 -16.61 4.87 6.08
C VAL E 204 -16.32 3.89 4.95
N VAL E 205 -16.23 2.62 5.31
CA VAL E 205 -16.18 1.53 4.36
C VAL E 205 -17.57 0.91 4.30
N ILE E 206 -18.13 0.81 3.11
CA ILE E 206 -19.35 0.06 2.93
C ILE E 206 -19.02 -1.33 2.37
N ARG E 207 -19.61 -2.37 2.96
CA ARG E 207 -19.66 -3.67 2.32
C ARG E 207 -21.10 -3.98 1.97
N PHE E 208 -21.42 -3.91 0.68
CA PHE E 208 -22.76 -4.24 0.23
C PHE E 208 -22.77 -5.58 -0.51
N GLN E 209 -23.74 -6.42 -0.19
CA GLN E 209 -23.96 -7.68 -0.90
C GLN E 209 -25.36 -7.72 -1.51
N LYS E 210 -25.45 -8.04 -2.79
CA LYS E 210 -26.72 -8.04 -3.51
C LYS E 210 -27.55 -9.30 -3.22
N SER E 211 -28.00 -9.38 -1.98
CA SER E 211 -28.83 -10.47 -1.48
C SER E 211 -29.02 -10.15 -0.02
N GLY E 212 -29.89 -10.91 0.66
CA GLY E 212 -30.22 -10.70 2.06
C GLY E 212 -30.73 -9.29 2.30
N LYS E 213 -30.71 -8.86 3.55
CA LYS E 213 -31.19 -7.53 3.92
C LYS E 213 -30.61 -7.13 5.26
N GLY E 214 -30.95 -5.92 5.70
CA GLY E 214 -30.54 -5.44 7.00
C GLY E 214 -29.29 -4.60 6.95
N LEU E 215 -28.88 -4.11 8.11
CA LEU E 215 -27.69 -3.30 8.25
C LEU E 215 -26.91 -3.70 9.49
N SER E 216 -25.59 -3.80 9.36
CA SER E 216 -24.71 -3.99 10.50
C SER E 216 -23.75 -2.81 10.52
N LEU E 217 -23.59 -2.19 11.67
CA LEU E 217 -22.70 -1.07 11.84
C LEU E 217 -21.51 -1.51 12.68
N TRP E 218 -20.31 -1.12 12.24
CA TRP E 218 -19.05 -1.52 12.87
C TRP E 218 -18.23 -0.28 13.18
N ASP E 219 -17.55 -0.28 14.33
CA ASP E 219 -16.45 0.63 14.56
C ASP E 219 -15.17 -0.09 14.11
N THR E 220 -14.06 0.64 13.99
CA THR E 220 -12.75 0.03 13.74
C THR E 220 -11.70 0.41 14.78
N GLN E 221 -10.64 -0.38 14.80
CA GLN E 221 -9.46 -0.21 15.62
C GLN E 221 -8.31 -0.09 14.62
N GLU E 222 -7.46 0.91 14.77
CA GLU E 222 -6.30 1.11 13.89
C GLU E 222 -5.00 0.75 14.60
N SER E 223 -4.30 -0.25 14.05
CA SER E 223 -2.99 -0.69 14.55
C SER E 223 -1.94 -0.62 13.44
N GLU E 224 -0.73 -1.04 13.77
CA GLU E 224 0.34 -1.24 12.79
C GLU E 224 -0.10 -2.35 11.82
N SER E 225 -0.62 -3.45 12.37
CA SER E 225 -1.15 -4.57 11.60
C SER E 225 -2.35 -4.19 10.73
N GLY E 226 -2.84 -2.95 10.88
CA GLY E 226 -3.95 -2.46 10.08
C GLY E 226 -5.24 -2.28 10.85
N PHE E 227 -6.35 -2.17 10.12
CA PHE E 227 -7.67 -1.92 10.72
C PHE E 227 -8.39 -3.20 11.14
N THR E 228 -8.98 -3.16 12.33
CA THR E 228 -9.78 -4.26 12.87
C THR E 228 -11.23 -3.81 13.03
N PRO E 229 -12.18 -4.55 12.44
CA PRO E 229 -13.61 -4.27 12.63
C PRO E 229 -14.13 -4.69 14.02
N ILE E 230 -14.94 -3.83 14.62
CA ILE E 230 -15.56 -4.03 15.93
C ILE E 230 -17.05 -3.90 15.72
N LEU E 231 -17.81 -4.99 15.88
CA LEU E 231 -19.26 -4.93 15.72
C LEU E 231 -19.87 -3.99 16.75
N TRP E 232 -20.64 -3.00 16.27
CA TRP E 232 -21.26 -2.00 17.13
C TRP E 232 -22.73 -2.29 17.37
N ALA E 233 -23.48 -2.47 16.28
CA ALA E 233 -24.94 -2.62 16.34
C ALA E 233 -25.49 -3.23 15.04
N GLU E 234 -26.64 -3.88 15.15
CA GLU E 234 -27.29 -4.53 14.01
C GLU E 234 -28.75 -4.11 13.89
N TYR E 235 -29.13 -3.75 12.67
CA TYR E 235 -30.49 -3.38 12.36
C TYR E 235 -31.03 -4.32 11.27
N PRO E 236 -31.54 -5.49 11.69
CA PRO E 236 -31.97 -6.52 10.73
C PRO E 236 -33.11 -6.06 9.81
N HIS E 237 -33.92 -5.11 10.27
CA HIS E 237 -35.05 -4.59 9.48
C HIS E 237 -34.87 -3.15 8.98
N TRP E 238 -33.61 -2.73 8.81
CA TRP E 238 -33.24 -1.42 8.22
C TRP E 238 -33.92 -1.19 6.86
N GLU E 239 -34.48 0.00 6.68
CA GLU E 239 -35.21 0.35 5.46
C GLU E 239 -34.67 1.61 4.78
N GLY E 240 -33.63 2.19 5.36
CA GLY E 240 -33.06 3.43 4.85
C GLY E 240 -32.98 4.55 5.88
N GLU E 241 -33.42 4.25 7.10
CA GLU E 241 -33.36 5.14 8.26
C GLU E 241 -31.94 5.70 8.45
N ILE E 242 -31.85 6.93 8.95
CA ILE E 242 -30.56 7.52 9.32
C ILE E 242 -29.73 6.54 10.17
N ILE E 243 -28.42 6.49 9.92
CA ILE E 243 -27.54 5.58 10.64
C ILE E 243 -26.79 6.31 11.77
N ARG E 244 -26.90 5.79 12.99
CA ARG E 244 -26.31 6.43 14.17
C ARG E 244 -25.56 5.41 15.01
N PHE E 245 -24.53 5.87 15.72
CA PHE E 245 -23.88 5.04 16.72
C PHE E 245 -24.65 5.15 18.04
N GLU E 246 -25.60 4.24 18.21
CA GLU E 246 -26.47 4.24 19.38
C GLU E 246 -25.89 3.41 20.50
N THR E 247 -26.09 3.89 21.72
CA THR E 247 -25.73 3.18 22.93
C THR E 247 -26.95 3.11 23.81
N GLU E 248 -26.82 2.42 24.95
CA GLU E 248 -27.84 2.36 25.97
C GLU E 248 -28.09 3.76 26.57
N GLU E 249 -27.01 4.51 26.77
CA GLU E 249 -27.07 5.88 27.30
C GLU E 249 -27.83 6.85 26.40
N THR E 250 -27.59 6.78 25.09
CA THR E 250 -28.30 7.64 24.13
C THR E 250 -29.78 7.29 24.02
N ARG E 251 -30.09 5.99 24.02
CA ARG E 251 -31.47 5.52 24.02
C ARG E 251 -32.16 6.03 25.26
N LYS E 252 -31.55 5.82 26.43
CA LYS E 252 -32.06 6.31 27.71
C LYS E 252 -32.42 7.80 27.69
N LEU E 253 -31.51 8.64 27.22
CA LEU E 253 -31.76 10.08 27.19
C LEU E 253 -32.88 10.43 26.21
N GLU E 254 -32.95 9.70 25.10
CA GLU E 254 -33.96 9.97 24.06
C GLU E 254 -35.39 9.68 24.52
N ILE E 255 -35.59 8.65 25.35
CA ILE E 255 -36.93 8.41 25.90
C ILE E 255 -37.33 9.34 27.06
N SER E 256 -36.36 10.06 27.62
CA SER E 256 -36.58 10.86 28.84
C SER E 256 -37.34 12.19 28.64
N GLY E 257 -37.63 12.53 27.38
CA GLY E 257 -38.27 13.80 27.08
C GLY E 257 -38.91 13.85 25.72
N MET E 258 -39.57 14.96 25.44
CA MET E 258 -40.13 15.23 24.11
C MET E 258 -39.01 15.57 23.14
N PRO E 259 -39.12 15.07 21.88
CA PRO E 259 -38.21 15.52 20.83
C PRO E 259 -38.34 17.03 20.65
N LEU E 260 -37.20 17.72 20.58
CA LEU E 260 -37.16 19.18 20.44
C LEU E 260 -38.00 19.71 19.28
N GLY E 261 -38.13 18.89 18.23
CA GLY E 261 -38.92 19.23 17.03
C GLY E 261 -40.43 19.24 17.23
N ASP E 262 -40.92 18.54 18.26
CA ASP E 262 -42.33 18.57 18.65
C ASP E 262 -42.70 19.83 19.43
N LEU E 263 -41.70 20.52 19.96
CA LEU E 263 -41.95 21.75 20.69
C LEU E 263 -41.84 22.98 19.79
N PHE E 264 -40.97 22.88 18.79
CA PHE E 264 -40.59 24.03 17.98
C PHE E 264 -40.76 23.80 16.49
N HIS E 265 -41.13 24.87 15.79
CA HIS E 265 -41.01 24.95 14.33
C HIS E 265 -39.54 25.29 14.07
N ILE E 266 -38.85 24.49 13.27
CA ILE E 266 -37.44 24.77 12.99
C ILE E 266 -37.29 25.36 11.59
N ARG E 267 -36.75 26.58 11.55
CA ARG E 267 -36.59 27.36 10.31
C ARG E 267 -35.12 27.71 10.08
N PHE E 268 -34.75 27.89 8.83
CA PHE E 268 -33.40 28.37 8.57
C PHE E 268 -33.38 29.86 8.31
N ALA E 269 -32.21 30.46 8.48
CA ALA E 269 -31.98 31.84 8.14
C ALA E 269 -32.18 32.06 6.65
N ALA E 270 -32.55 33.31 6.31
CA ALA E 270 -32.49 33.78 4.95
C ALA E 270 -31.05 33.68 4.45
N ARG E 271 -30.88 33.28 3.20
CA ARG E 271 -29.53 33.08 2.65
C ARG E 271 -28.84 34.41 2.31
N SER E 272 -27.51 34.37 2.19
CA SER E 272 -26.71 35.56 1.82
C SER E 272 -27.22 36.39 0.62
N PRO E 273 -27.52 35.76 -0.54
CA PRO E 273 -27.99 36.57 -1.67
C PRO E 273 -29.34 37.27 -1.44
N GLU E 274 -30.20 36.70 -0.61
CA GLU E 274 -31.46 37.37 -0.25
C GLU E 274 -31.16 38.73 0.38
N PHE E 275 -30.19 38.76 1.29
CA PHE E 275 -29.75 39.99 1.95
C PHE E 275 -29.00 40.91 0.99
N LYS E 276 -27.99 40.37 0.29
CA LYS E 276 -27.23 41.09 -0.74
C LYS E 276 -28.06 42.01 -1.64
N LYS E 277 -29.23 41.57 -2.05
CA LYS E 277 -30.02 42.35 -3.01
C LYS E 277 -31.14 43.19 -2.39
N HIS E 278 -31.37 43.03 -1.09
CA HIS E 278 -32.43 43.78 -0.40
C HIS E 278 -32.08 45.27 -0.30
N PRO E 279 -33.00 46.16 -0.72
CA PRO E 279 -32.68 47.60 -0.75
C PRO E 279 -32.28 48.20 0.61
N ALA E 280 -32.71 47.58 1.71
CA ALA E 280 -32.45 48.05 3.07
C ALA E 280 -31.03 47.73 3.56
N VAL E 281 -30.41 46.76 2.92
CA VAL E 281 -29.12 46.23 3.34
C VAL E 281 -27.98 47.06 2.74
N ARG E 282 -27.05 47.46 3.61
CA ARG E 282 -25.86 48.20 3.24
C ARG E 282 -24.60 47.38 3.49
N LYS E 283 -23.51 47.84 2.88
CA LYS E 283 -22.23 47.19 2.95
C LYS E 283 -21.33 47.88 3.96
N GLU E 284 -21.87 48.92 4.61
CA GLU E 284 -21.14 49.68 5.63
C GLU E 284 -22.05 50.03 6.80
N PRO E 285 -21.47 50.17 8.02
CA PRO E 285 -22.25 50.57 9.18
C PRO E 285 -22.76 52.01 9.08
N GLY E 286 -23.76 52.36 9.87
CA GLY E 286 -24.30 53.72 9.85
C GLY E 286 -25.44 53.88 10.82
N PRO E 287 -25.95 55.12 10.96
CA PRO E 287 -27.06 55.46 11.86
C PRO E 287 -28.24 54.48 11.78
N GLY E 288 -28.59 53.89 12.91
CA GLY E 288 -29.71 52.95 12.99
C GLY E 288 -29.48 51.60 12.30
N LEU E 289 -28.26 51.39 11.79
CA LEU E 289 -27.92 50.16 11.08
C LEU E 289 -27.29 49.14 12.01
N VAL E 290 -27.65 47.88 11.80
CA VAL E 290 -27.21 46.82 12.67
C VAL E 290 -26.63 45.66 11.82
N PRO E 291 -25.58 44.98 12.32
CA PRO E 291 -25.00 43.87 11.57
C PRO E 291 -25.96 42.70 11.32
N VAL E 292 -25.91 42.18 10.09
CA VAL E 292 -26.49 40.89 9.74
C VAL E 292 -25.59 39.82 10.36
N LEU E 293 -26.16 39.06 11.30
CA LEU E 293 -25.40 38.10 12.09
C LEU E 293 -25.16 36.76 11.37
N THR E 294 -24.08 36.08 11.76
CA THR E 294 -23.68 34.77 11.24
C THR E 294 -23.32 33.88 12.43
N GLY E 295 -22.94 32.62 12.19
CA GLY E 295 -22.52 31.73 13.28
C GLY E 295 -21.42 32.28 14.18
N ARG E 296 -20.63 33.20 13.64
CA ARG E 296 -19.54 33.85 14.36
C ARG E 296 -20.03 34.85 15.42
N ASN E 297 -21.31 35.18 15.33
CA ASN E 297 -21.97 36.01 16.33
C ASN E 297 -22.62 35.18 17.44
N LEU E 298 -22.93 33.91 17.12
CA LEU E 298 -23.58 32.99 18.06
C LEU E 298 -22.56 32.30 18.98
N LYS E 299 -22.80 32.40 20.29
CA LYS E 299 -21.97 31.72 21.29
C LYS E 299 -22.85 30.87 22.22
N PRO E 300 -22.24 29.95 22.98
CA PRO E 300 -23.00 29.20 23.98
C PRO E 300 -23.60 30.13 25.05
N GLY E 301 -24.91 30.36 24.96
CA GLY E 301 -25.62 31.18 25.93
C GLY E 301 -25.65 32.69 25.69
N TRP E 302 -25.01 33.17 24.62
CA TRP E 302 -25.07 34.60 24.28
C TRP E 302 -24.83 34.94 22.81
N VAL E 303 -25.31 36.11 22.41
CA VAL E 303 -25.18 36.60 21.04
C VAL E 303 -24.35 37.88 21.06
N ASP E 304 -23.30 37.90 20.23
CA ASP E 304 -22.51 39.10 20.03
C ASP E 304 -23.19 39.95 18.96
N TYR E 305 -23.89 40.97 19.42
CA TYR E 305 -24.64 41.84 18.52
C TYR E 305 -23.74 42.87 17.85
N GLU E 306 -22.55 43.10 18.40
CA GLU E 306 -21.67 44.19 17.94
C GLU E 306 -20.82 43.87 16.71
N LYS E 307 -20.19 42.70 16.71
CA LYS E 307 -19.26 42.33 15.63
C LYS E 307 -19.97 42.04 14.34
N ASN E 308 -19.34 42.46 13.23
CA ASN E 308 -19.84 42.11 11.91
C ASN E 308 -18.91 41.12 11.25
N HIS E 309 -19.49 40.04 10.73
CA HIS E 309 -18.73 39.00 10.06
C HIS E 309 -19.24 38.76 8.64
N SER E 310 -20.42 39.29 8.33
CA SER E 310 -21.05 39.10 7.02
C SER E 310 -20.68 40.18 5.99
N GLY E 311 -20.34 41.37 6.47
CA GLY E 311 -20.09 42.51 5.61
C GLY E 311 -21.39 43.20 5.24
N LEU E 312 -22.44 42.93 6.03
CA LEU E 312 -23.79 43.43 5.74
C LEU E 312 -24.43 44.09 6.96
N TRP E 313 -25.01 45.26 6.73
CA TRP E 313 -25.73 46.02 7.74
C TRP E 313 -27.13 46.36 7.25
N MET E 314 -28.10 46.36 8.15
CA MET E 314 -29.46 46.77 7.79
C MET E 314 -30.20 47.32 9.01
N PRO E 315 -31.29 48.10 8.79
CA PRO E 315 -32.11 48.47 9.93
C PRO E 315 -32.76 47.21 10.51
N LYS E 316 -32.58 47.02 11.81
CA LYS E 316 -33.11 45.88 12.54
C LYS E 316 -34.61 45.64 12.31
N GLU E 317 -35.38 46.73 12.29
CA GLU E 317 -36.84 46.68 12.06
C GLU E 317 -37.24 46.11 10.69
N ARG E 318 -36.33 46.18 9.73
CA ARG E 318 -36.58 45.78 8.35
C ARG E 318 -36.27 44.30 8.13
N ALA E 319 -35.70 43.65 9.15
CA ALA E 319 -35.31 42.26 9.05
C ALA E 319 -36.50 41.34 8.79
N LYS E 320 -37.67 41.72 9.32
CA LYS E 320 -38.90 40.93 9.17
C LYS E 320 -39.40 40.81 7.72
N GLU E 321 -38.96 41.73 6.85
CA GLU E 321 -39.22 41.65 5.40
C GLU E 321 -38.56 40.43 4.76
N LEU E 322 -37.44 39.98 5.32
CA LEU E 322 -36.79 38.76 4.81
C LEU E 322 -37.39 37.49 5.40
N ARG E 323 -37.46 37.40 6.73
CA ARG E 323 -38.28 36.40 7.43
C ARG E 323 -39.12 37.06 8.53
N ASP E 324 -40.41 36.74 8.57
CA ASP E 324 -41.33 37.29 9.56
C ASP E 324 -40.87 37.05 11.02
N PHE E 325 -40.27 35.88 11.28
CA PHE E 325 -39.83 35.51 12.63
C PHE E 325 -38.64 36.32 13.16
N TYR E 326 -37.95 37.05 12.29
CA TYR E 326 -36.85 37.95 12.69
C TYR E 326 -37.33 39.12 13.58
N ALA E 327 -38.64 39.33 13.61
CA ALA E 327 -39.27 40.36 14.44
C ALA E 327 -39.45 39.92 15.89
N THR E 328 -39.24 38.64 16.17
CA THR E 328 -39.57 38.06 17.48
C THR E 328 -38.35 37.45 18.17
N PRO E 329 -38.16 37.75 19.47
CA PRO E 329 -37.19 37.02 20.30
C PRO E 329 -37.43 35.51 20.27
N HIS E 330 -36.39 34.76 19.99
CA HIS E 330 -36.50 33.32 19.78
C HIS E 330 -35.15 32.62 19.95
N LEU E 331 -35.22 31.30 20.01
CA LEU E 331 -34.06 30.44 20.17
C LEU E 331 -33.31 30.23 18.85
N VAL E 332 -31.98 30.35 18.93
CA VAL E 332 -31.06 30.16 17.80
C VAL E 332 -30.14 28.98 18.16
N VAL E 333 -30.01 28.03 17.23
CA VAL E 333 -29.11 26.89 17.40
C VAL E 333 -28.11 26.87 16.23
N ALA E 334 -26.87 26.45 16.50
CA ALA E 334 -25.81 26.50 15.51
C ALA E 334 -25.88 25.35 14.50
N HIS E 335 -25.45 25.66 13.27
CA HIS E 335 -25.47 24.69 12.20
C HIS E 335 -24.07 24.28 11.80
N THR E 336 -23.12 25.20 11.86
CA THR E 336 -21.77 24.96 11.33
C THR E 336 -20.67 25.25 12.35
N LYS E 337 -20.77 24.53 13.47
CA LYS E 337 -19.72 24.53 14.49
C LYS E 337 -19.28 23.08 14.78
N GLY E 338 -19.50 22.19 13.81
CA GLY E 338 -19.26 20.75 14.00
C GLY E 338 -20.44 20.06 14.67
N THR E 339 -20.25 18.81 15.07
CA THR E 339 -21.32 18.05 15.73
C THR E 339 -21.36 18.37 17.24
N ARG E 340 -22.01 19.50 17.53
CA ARG E 340 -22.31 19.94 18.89
C ARG E 340 -23.60 20.76 18.84
N VAL E 341 -24.14 21.05 20.01
CA VAL E 341 -25.33 21.92 20.13
C VAL E 341 -24.91 23.22 20.84
N VAL E 342 -24.87 24.31 20.08
CA VAL E 342 -24.58 25.64 20.61
C VAL E 342 -25.86 26.43 20.46
N ALA E 343 -26.39 26.93 21.59
CA ALA E 343 -27.67 27.63 21.60
C ALA E 343 -27.60 28.95 22.38
N ALA E 344 -28.40 29.92 21.96
CA ALA E 344 -28.54 31.18 22.69
C ALA E 344 -29.92 31.75 22.45
N TRP E 345 -30.38 32.54 23.40
CA TRP E 345 -31.65 33.23 23.22
C TRP E 345 -31.35 34.59 22.57
N ASP E 346 -31.94 34.79 21.39
CA ASP E 346 -31.86 36.09 20.72
C ASP E 346 -32.98 36.99 21.25
N GLU E 347 -32.69 37.69 22.34
CA GLU E 347 -33.66 38.57 22.99
C GLU E 347 -33.94 39.88 22.23
N ARG E 348 -32.96 40.32 21.43
CA ARG E 348 -33.09 41.57 20.66
C ARG E 348 -33.87 41.39 19.35
N ALA E 349 -33.86 40.18 18.80
CA ALA E 349 -34.46 39.89 17.50
C ALA E 349 -33.75 40.65 16.36
N TYR E 350 -32.59 40.14 15.96
CA TYR E 350 -31.76 40.71 14.90
C TYR E 350 -31.93 39.97 13.57
N PRO E 351 -31.48 40.58 12.45
CA PRO E 351 -31.34 39.83 11.20
C PRO E 351 -30.19 38.81 11.25
N TRP E 352 -30.48 37.57 10.84
CA TRP E 352 -29.46 36.52 10.76
C TRP E 352 -29.28 36.02 9.33
N ARG E 353 -28.03 35.85 8.93
CA ARG E 353 -27.69 35.24 7.64
C ARG E 353 -27.48 33.73 7.77
N GLU E 354 -27.36 33.23 9.01
CA GLU E 354 -27.11 31.80 9.25
C GLU E 354 -27.89 31.22 10.43
N GLU E 355 -27.76 29.91 10.59
CA GLU E 355 -28.17 29.14 11.79
C GLU E 355 -29.64 28.72 11.77
N PHE E 356 -30.01 27.88 12.72
CA PHE E 356 -31.41 27.46 12.91
C PHE E 356 -32.17 28.44 13.79
N HIS E 357 -33.43 28.65 13.45
CA HIS E 357 -34.30 29.56 14.17
C HIS E 357 -35.60 28.84 14.55
N LEU E 358 -35.81 28.74 15.86
CA LEU E 358 -36.81 27.86 16.43
C LEU E 358 -37.95 28.64 17.07
N LEU E 359 -39.16 28.34 16.58
CA LEU E 359 -40.37 29.05 16.92
C LEU E 359 -41.29 28.07 17.65
N PRO E 360 -41.64 28.38 18.92
CA PRO E 360 -42.48 27.52 19.74
C PRO E 360 -43.84 27.26 19.11
N LYS E 361 -44.28 26.00 19.15
CA LYS E 361 -45.54 25.61 18.53
C LYS E 361 -46.70 26.03 19.43
N GLU E 362 -47.91 26.03 18.89
CA GLU E 362 -49.09 26.43 19.65
C GLU E 362 -49.25 25.62 20.93
N GLY E 363 -49.32 26.32 22.05
CA GLY E 363 -49.55 25.73 23.37
C GLY E 363 -48.29 25.20 24.02
N VAL E 364 -47.15 25.63 23.50
CA VAL E 364 -45.85 25.26 24.07
C VAL E 364 -45.43 26.30 25.11
N ARG E 365 -45.34 25.85 26.35
CA ARG E 365 -44.77 26.60 27.45
C ARG E 365 -43.27 26.33 27.49
N LEU E 366 -42.46 27.39 27.43
CA LEU E 366 -41.02 27.26 27.50
C LEU E 366 -40.37 28.06 28.64
N ASP E 367 -39.24 27.54 29.11
CA ASP E 367 -38.33 28.29 29.95
C ASP E 367 -37.03 28.54 29.18
N PRO E 368 -36.95 29.70 28.49
CA PRO E 368 -35.81 30.03 27.61
C PRO E 368 -34.41 29.82 28.22
N SER E 369 -34.09 30.44 29.36
CA SER E 369 -32.73 30.37 29.89
C SER E 369 -32.36 28.97 30.40
N SER E 370 -33.33 28.28 30.99
CA SER E 370 -33.17 26.90 31.44
C SER E 370 -33.00 25.92 30.25
N LEU E 371 -33.71 26.18 29.14
CA LEU E 371 -33.61 25.35 27.94
C LEU E 371 -32.29 25.56 27.18
N VAL E 372 -31.91 26.81 26.98
CA VAL E 372 -30.59 27.18 26.46
C VAL E 372 -29.51 26.48 27.26
N GLN E 373 -29.59 26.58 28.59
CA GLN E 373 -28.63 25.98 29.50
C GLN E 373 -28.50 24.47 29.28
N TRP E 374 -29.63 23.80 29.08
CA TRP E 374 -29.67 22.37 28.78
C TRP E 374 -29.12 22.00 27.38
N LEU E 375 -29.38 22.86 26.39
CA LEU E 375 -28.89 22.59 25.03
C LEU E 375 -27.36 22.73 24.92
N ASN E 376 -26.78 23.65 25.71
CA ASN E 376 -25.33 23.86 25.79
C ASN E 376 -24.60 22.89 26.72
N SER E 377 -25.35 22.26 27.64
CA SER E 377 -24.78 21.36 28.66
C SER E 377 -23.82 20.32 28.10
N GLU E 378 -22.88 19.87 28.91
CA GLU E 378 -21.91 18.85 28.46
C GLU E 378 -22.57 17.49 28.18
N ALA E 379 -23.67 17.20 28.85
CA ALA E 379 -24.50 16.02 28.60
C ALA E 379 -25.07 15.97 27.18
N MET E 380 -25.50 17.13 26.68
CA MET E 380 -26.02 17.24 25.32
C MET E 380 -24.92 17.13 24.28
N GLN E 381 -23.74 17.62 24.62
CA GLN E 381 -22.58 17.57 23.73
C GLN E 381 -22.12 16.13 23.49
N LYS E 382 -21.95 15.37 24.57
CA LYS E 382 -21.59 13.95 24.45
C LYS E 382 -22.60 13.17 23.62
N HIS E 383 -23.88 13.38 23.93
CA HIS E 383 -25.01 12.75 23.24
C HIS E 383 -24.91 12.81 21.71
N VAL E 384 -24.72 14.01 21.15
CA VAL E 384 -24.62 14.19 19.70
C VAL E 384 -23.30 13.66 19.12
N ARG E 385 -22.21 13.83 19.88
CA ARG E 385 -20.90 13.30 19.50
C ARG E 385 -20.88 11.77 19.46
N THR E 386 -21.63 11.14 20.35
CA THR E 386 -21.79 9.68 20.38
C THR E 386 -22.54 9.17 19.13
N LEU E 387 -23.70 9.76 18.86
CA LEU E 387 -24.55 9.34 17.73
C LEU E 387 -23.99 9.64 16.34
N TYR E 388 -23.48 10.86 16.16
CA TYR E 388 -23.16 11.35 14.82
C TYR E 388 -21.68 11.55 14.57
N ARG E 389 -20.89 11.46 15.64
CA ARG E 389 -19.43 11.57 15.56
C ARG E 389 -18.99 12.79 14.76
N ASP E 390 -18.17 12.55 13.73
CA ASP E 390 -17.70 13.62 12.83
C ASP E 390 -18.11 13.36 11.38
N PHE E 391 -19.25 12.70 11.18
CA PHE E 391 -19.74 12.39 9.83
C PHE E 391 -19.73 13.63 8.96
N VAL E 392 -20.26 14.71 9.53
CA VAL E 392 -20.43 15.99 8.84
C VAL E 392 -20.01 17.15 9.77
N PRO E 393 -19.58 18.29 9.20
CA PRO E 393 -19.13 19.44 9.99
C PRO E 393 -20.26 20.38 10.44
N HIS E 394 -21.34 19.79 10.96
CA HIS E 394 -22.62 20.46 11.22
C HIS E 394 -23.47 19.77 12.27
N LEU E 395 -24.32 20.56 12.91
CA LEU E 395 -25.55 20.04 13.51
C LEU E 395 -26.61 20.23 12.44
N THR E 396 -27.21 19.13 11.99
CA THR E 396 -28.18 19.18 10.91
C THR E 396 -29.60 19.19 11.49
N LEU E 397 -30.59 19.52 10.66
CA LEU E 397 -32.01 19.53 11.10
C LEU E 397 -32.44 18.18 11.65
N ARG E 398 -32.01 17.12 10.97
CA ARG E 398 -32.33 15.75 11.37
C ARG E 398 -31.80 15.34 12.75
N MET E 399 -30.64 15.86 13.13
CA MET E 399 -30.10 15.64 14.48
C MET E 399 -30.80 16.54 15.51
N LEU E 400 -31.02 17.80 15.15
CA LEU E 400 -31.59 18.82 16.02
C LEU E 400 -33.03 18.54 16.50
N GLU E 401 -33.88 18.08 15.59
CA GLU E 401 -35.29 17.84 15.88
C GLU E 401 -35.54 16.64 16.84
N ARG E 402 -34.52 15.79 16.99
CA ARG E 402 -34.61 14.60 17.81
C ARG E 402 -33.96 14.77 19.18
N LEU E 403 -33.47 15.98 19.45
CA LEU E 403 -32.88 16.28 20.75
C LEU E 403 -33.97 16.19 21.83
N PRO E 404 -33.67 15.51 22.95
CA PRO E 404 -34.72 15.30 23.96
C PRO E 404 -34.83 16.47 24.93
N VAL E 405 -36.06 16.90 25.20
CA VAL E 405 -36.34 18.01 26.09
C VAL E 405 -37.33 17.53 27.14
N ARG E 406 -36.89 17.50 28.41
CA ARG E 406 -37.76 17.09 29.51
C ARG E 406 -38.56 18.28 30.06
N ARG E 407 -39.58 17.97 30.85
CA ARG E 407 -40.62 18.94 31.25
C ARG E 407 -40.10 20.22 31.89
N GLU E 408 -38.94 20.14 32.52
CA GLU E 408 -38.26 21.31 33.09
C GLU E 408 -38.16 22.47 32.10
N TYR E 409 -37.82 22.15 30.86
CA TYR E 409 -37.37 23.16 29.89
C TYR E 409 -38.43 23.59 28.91
N GLY E 410 -39.37 22.69 28.64
CA GLY E 410 -40.44 22.95 27.70
C GLY E 410 -41.54 21.96 27.93
N PHE E 411 -42.77 22.45 27.94
CA PHE E 411 -43.93 21.60 28.20
C PHE E 411 -45.02 21.85 27.15
N HIS E 412 -45.44 20.77 26.50
CA HIS E 412 -46.53 20.84 25.52
C HIS E 412 -47.86 20.50 26.18
N THR E 413 -48.67 21.53 26.42
CA THR E 413 -49.92 21.40 27.16
C THR E 413 -50.99 20.62 26.40
N VAL F 21 20.64 -14.63 -25.34
CA VAL F 21 19.39 -15.23 -24.81
C VAL F 21 18.18 -14.36 -25.15
N GLU F 22 17.89 -13.35 -24.33
CA GLU F 22 16.70 -12.52 -24.53
C GLU F 22 16.26 -11.72 -23.31
N THR F 23 15.61 -10.59 -23.59
CA THR F 23 14.96 -9.80 -22.57
C THR F 23 13.49 -9.63 -22.98
N PRO F 24 12.56 -9.80 -22.03
CA PRO F 24 11.16 -9.45 -22.23
C PRO F 24 10.98 -8.00 -22.71
N PRO F 25 10.19 -7.79 -23.79
CA PRO F 25 9.79 -6.46 -24.25
C PRO F 25 9.49 -5.44 -23.13
N GLU F 26 8.71 -5.82 -22.12
CA GLU F 26 8.39 -4.88 -21.03
C GLU F 26 9.55 -4.53 -20.09
N VAL F 27 10.55 -5.42 -20.01
CA VAL F 27 11.78 -5.14 -19.25
C VAL F 27 12.66 -4.15 -20.05
N VAL F 28 12.74 -4.37 -21.35
CA VAL F 28 13.43 -3.46 -22.28
C VAL F 28 12.84 -2.04 -22.21
N ASP F 29 11.51 -1.93 -22.31
CA ASP F 29 10.81 -0.63 -22.25
C ASP F 29 11.13 0.14 -20.97
N PHE F 30 11.17 -0.57 -19.85
CA PHE F 30 11.45 0.02 -18.53
C PHE F 30 12.89 0.51 -18.38
N MET F 31 13.85 -0.32 -18.79
CA MET F 31 15.27 0.05 -18.79
C MET F 31 15.59 1.26 -19.68
N VAL F 32 15.03 1.26 -20.89
CA VAL F 32 15.12 2.39 -21.82
C VAL F 32 14.50 3.68 -21.22
N SER F 33 13.45 3.53 -20.39
CA SER F 33 12.84 4.66 -19.68
C SER F 33 13.72 5.21 -18.54
N LEU F 34 14.69 4.40 -18.09
CA LEU F 34 15.67 4.87 -17.12
C LEU F 34 16.96 5.33 -17.83
N ALA F 35 17.11 4.91 -19.09
CA ALA F 35 18.29 5.23 -19.90
C ALA F 35 18.28 6.68 -20.36
N GLU F 36 19.40 7.35 -20.13
CA GLU F 36 19.61 8.74 -20.47
C GLU F 36 20.94 8.83 -21.20
N ALA F 37 21.00 9.74 -22.16
CA ALA F 37 22.24 10.05 -22.86
C ALA F 37 22.18 11.49 -23.35
N PRO F 38 23.34 12.19 -23.36
CA PRO F 38 23.34 13.50 -24.01
C PRO F 38 23.21 13.41 -25.53
N ARG F 39 22.86 14.54 -26.14
CA ARG F 39 22.86 14.71 -27.58
C ARG F 39 24.22 14.40 -28.16
N GLY F 40 24.25 13.55 -29.19
CA GLY F 40 25.49 13.11 -29.81
C GLY F 40 26.22 12.06 -28.98
N GLY F 41 25.68 11.78 -27.79
CA GLY F 41 26.26 10.81 -26.85
C GLY F 41 26.57 9.45 -27.46
N ARG F 42 27.58 8.80 -26.91
CA ARG F 42 28.01 7.48 -27.34
C ARG F 42 27.24 6.42 -26.55
N VAL F 43 26.44 5.62 -27.25
CA VAL F 43 25.58 4.62 -26.63
C VAL F 43 26.01 3.19 -27.04
N LEU F 44 26.25 2.35 -26.03
CA LEU F 44 26.79 1.00 -26.21
C LEU F 44 25.92 -0.14 -25.65
N GLU F 45 25.67 -1.16 -26.48
CA GLU F 45 25.09 -2.42 -26.00
C GLU F 45 26.15 -3.54 -25.95
N PRO F 46 26.51 -3.99 -24.74
CA PRO F 46 27.38 -5.15 -24.59
C PRO F 46 26.60 -6.45 -24.77
N ALA F 47 27.24 -7.48 -25.32
CA ALA F 47 26.61 -8.78 -25.58
C ALA F 47 25.31 -8.60 -26.36
N CYS F 48 25.42 -7.92 -27.51
CA CYS F 48 24.27 -7.31 -28.18
C CYS F 48 23.44 -8.23 -29.06
N ALA F 49 24.07 -9.23 -29.68
CA ALA F 49 23.52 -9.94 -30.85
C ALA F 49 22.97 -8.96 -31.90
N HIS F 50 21.66 -8.97 -32.15
CA HIS F 50 21.00 -8.07 -33.12
C HIS F 50 20.76 -6.64 -32.61
N GLY F 51 21.17 -6.37 -31.38
CA GLY F 51 21.05 -5.03 -30.76
C GLY F 51 19.65 -4.59 -30.37
N PRO F 52 18.92 -5.42 -29.59
CA PRO F 52 17.56 -5.08 -29.13
C PRO F 52 17.46 -3.80 -28.27
N PHE F 53 18.48 -3.51 -27.46
CA PHE F 53 18.49 -2.29 -26.64
C PHE F 53 18.80 -1.06 -27.47
N LEU F 54 19.72 -1.19 -28.42
CA LEU F 54 20.09 -0.08 -29.31
C LEU F 54 18.91 0.35 -30.16
N ARG F 55 18.10 -0.62 -30.58
CA ARG F 55 16.91 -0.38 -31.42
C ARG F 55 15.80 0.33 -30.64
N ALA F 56 15.52 -0.16 -29.43
CA ALA F 56 14.50 0.43 -28.56
C ALA F 56 14.90 1.80 -28.02
N PHE F 57 16.21 2.02 -27.82
CA PHE F 57 16.70 3.34 -27.41
C PHE F 57 16.57 4.36 -28.54
N ARG F 58 16.93 3.96 -29.76
CA ARG F 58 16.75 4.82 -30.93
C ARG F 58 15.28 5.07 -31.29
N GLU F 59 14.42 4.07 -31.07
CA GLU F 59 12.97 4.26 -31.20
C GLU F 59 12.44 5.29 -30.22
N ALA F 60 12.85 5.17 -28.96
CA ALA F 60 12.38 6.06 -27.92
C ALA F 60 13.00 7.47 -27.95
N HIS F 61 14.33 7.55 -28.07
CA HIS F 61 15.05 8.82 -27.86
C HIS F 61 15.46 9.56 -29.13
N GLY F 62 15.45 8.89 -30.27
CA GLY F 62 15.77 9.53 -31.54
C GLY F 62 17.13 9.10 -32.08
N THR F 63 17.54 9.72 -33.18
CA THR F 63 18.73 9.29 -33.92
C THR F 63 20.04 10.07 -33.64
N ALA F 64 19.97 11.07 -32.75
CA ALA F 64 21.13 11.94 -32.47
C ALA F 64 22.13 11.37 -31.45
N TYR F 65 22.71 10.22 -31.81
CA TYR F 65 23.58 9.44 -30.93
C TYR F 65 24.48 8.60 -31.79
N ARG F 66 25.66 8.26 -31.24
CA ARG F 66 26.52 7.23 -31.81
C ARG F 66 26.16 5.86 -31.20
N PHE F 67 25.77 4.91 -32.04
CA PHE F 67 25.32 3.59 -31.58
C PHE F 67 26.37 2.51 -31.83
N VAL F 68 26.77 1.82 -30.76
CA VAL F 68 27.80 0.78 -30.81
C VAL F 68 27.31 -0.51 -30.13
N GLY F 69 27.56 -1.65 -30.78
CA GLY F 69 27.30 -2.96 -30.18
C GLY F 69 28.52 -3.87 -30.21
N VAL F 70 28.76 -4.59 -29.12
CA VAL F 70 29.84 -5.59 -29.05
C VAL F 70 29.29 -7.00 -28.81
N GLU F 71 29.84 -7.96 -29.55
CA GLU F 71 29.32 -9.31 -29.65
C GLU F 71 30.47 -10.26 -29.98
N ILE F 72 30.51 -11.42 -29.33
CA ILE F 72 31.63 -12.35 -29.48
C ILE F 72 31.41 -13.41 -30.58
N ASP F 73 30.16 -13.79 -30.77
CA ASP F 73 29.78 -14.82 -31.73
C ASP F 73 29.42 -14.18 -33.08
N PRO F 74 30.13 -14.55 -34.18
CA PRO F 74 29.86 -13.97 -35.50
C PRO F 74 28.51 -14.38 -36.10
N LYS F 75 27.93 -15.47 -35.59
CA LYS F 75 26.58 -15.87 -35.98
C LYS F 75 25.52 -14.93 -35.39
N ALA F 76 25.84 -14.30 -34.25
CA ALA F 76 24.83 -13.52 -33.52
C ALA F 76 24.87 -12.00 -33.79
N LEU F 77 26.02 -11.48 -34.20
CA LEU F 77 26.13 -10.04 -34.50
C LEU F 77 25.32 -9.64 -35.74
N ASP F 78 24.22 -8.92 -35.53
CA ASP F 78 23.39 -8.52 -36.65
C ASP F 78 22.74 -7.16 -36.47
N LEU F 79 23.57 -6.12 -36.56
CA LEU F 79 23.12 -4.78 -36.28
C LEU F 79 22.52 -4.07 -37.49
N PRO F 80 21.66 -3.07 -37.23
CA PRO F 80 21.25 -2.16 -38.30
C PRO F 80 22.45 -1.37 -38.80
N PRO F 81 22.44 -0.96 -40.09
CA PRO F 81 23.55 -0.24 -40.70
C PRO F 81 23.87 1.10 -40.00
N TRP F 82 22.97 1.57 -39.14
CA TRP F 82 23.19 2.83 -38.42
C TRP F 82 24.01 2.67 -37.14
N ALA F 83 24.34 1.41 -36.83
CA ALA F 83 25.11 1.08 -35.65
C ALA F 83 26.46 0.45 -36.01
N GLU F 84 27.46 0.69 -35.15
CA GLU F 84 28.76 0.04 -35.29
C GLU F 84 28.82 -1.30 -34.54
N GLY F 85 28.83 -2.38 -35.31
CA GLY F 85 29.00 -3.73 -34.78
C GLY F 85 30.45 -4.13 -34.64
N ILE F 86 30.84 -4.53 -33.43
CA ILE F 86 32.21 -4.99 -33.14
C ILE F 86 32.18 -6.45 -32.71
N LEU F 87 32.98 -7.26 -33.40
CA LEU F 87 33.19 -8.65 -33.02
C LEU F 87 34.36 -8.74 -32.06
N ALA F 88 34.05 -9.01 -30.79
CA ALA F 88 35.04 -8.99 -29.72
C ALA F 88 34.49 -9.58 -28.43
N ASP F 89 35.41 -9.99 -27.57
CA ASP F 89 35.09 -10.30 -26.19
C ASP F 89 34.98 -8.96 -25.48
N PHE F 90 33.76 -8.61 -25.07
CA PHE F 90 33.52 -7.32 -24.42
C PHE F 90 34.39 -7.13 -23.17
N LEU F 91 34.60 -8.23 -22.44
CA LEU F 91 35.37 -8.18 -21.20
C LEU F 91 36.84 -7.84 -21.38
N LEU F 92 37.36 -8.13 -22.57
CA LEU F 92 38.78 -7.84 -22.89
C LEU F 92 38.92 -6.76 -23.96
N TRP F 93 37.78 -6.23 -24.41
CA TRP F 93 37.70 -5.21 -25.46
C TRP F 93 38.15 -3.84 -24.94
N GLU F 94 38.99 -3.17 -25.72
CA GLU F 94 39.54 -1.86 -25.35
C GLU F 94 39.26 -0.75 -26.39
N PRO F 95 38.14 -0.01 -26.21
CA PRO F 95 37.82 1.10 -27.10
C PRO F 95 38.79 2.27 -26.94
N GLY F 96 38.91 3.10 -27.96
CA GLY F 96 39.73 4.31 -27.87
C GLY F 96 39.14 5.34 -26.91
N GLU F 97 37.81 5.34 -26.80
CA GLU F 97 37.09 6.36 -26.03
C GLU F 97 35.96 5.77 -25.21
N ALA F 98 35.78 6.32 -24.00
CA ALA F 98 34.72 5.90 -23.07
C ALA F 98 33.29 6.23 -23.57
N PHE F 99 32.28 5.85 -22.78
CA PHE F 99 30.89 5.94 -23.22
C PHE F 99 29.99 6.76 -22.30
N ASP F 100 28.97 7.38 -22.88
CA ASP F 100 27.99 8.15 -22.13
C ASP F 100 26.96 7.26 -21.50
N LEU F 101 26.57 6.23 -22.26
CA LEU F 101 25.54 5.30 -21.85
C LEU F 101 25.90 3.89 -22.32
N ILE F 102 25.80 2.96 -21.37
CA ILE F 102 25.95 1.53 -21.65
C ILE F 102 24.73 0.84 -21.10
N LEU F 103 24.08 0.05 -21.95
CA LEU F 103 22.89 -0.64 -21.52
C LEU F 103 22.75 -2.00 -22.15
N GLY F 104 22.07 -2.90 -21.46
CA GLY F 104 21.88 -4.23 -21.98
C GLY F 104 21.60 -5.28 -20.93
N ASN F 105 21.68 -6.51 -21.40
CA ASN F 105 21.50 -7.67 -20.57
C ASN F 105 22.76 -8.51 -20.80
N PRO F 106 23.65 -8.53 -19.78
CA PRO F 106 24.88 -9.32 -19.88
C PRO F 106 24.57 -10.81 -19.79
N PRO F 107 25.49 -11.68 -20.24
CA PRO F 107 25.35 -13.11 -19.97
C PRO F 107 25.55 -13.42 -18.48
N TYR F 108 24.77 -14.37 -17.96
CA TYR F 108 24.87 -14.80 -16.56
C TYR F 108 25.59 -16.15 -16.53
N GLY F 109 26.25 -16.47 -15.42
CA GLY F 109 26.94 -17.75 -15.30
C GLY F 109 28.28 -17.73 -14.60
N ILE F 110 28.55 -18.82 -13.88
CA ILE F 110 29.86 -19.07 -13.31
C ILE F 110 30.78 -19.71 -14.36
N VAL F 111 32.00 -19.19 -14.48
CA VAL F 111 33.01 -19.81 -15.35
C VAL F 111 33.59 -21.03 -14.62
N GLY F 112 33.43 -22.20 -15.23
CA GLY F 112 33.96 -23.44 -14.66
C GLY F 112 33.75 -24.70 -15.48
N GLU F 113 34.11 -25.83 -14.89
CA GLU F 113 34.05 -27.15 -15.53
C GLU F 113 32.63 -27.51 -15.95
N ALA F 114 32.50 -27.96 -17.19
CA ALA F 114 31.22 -28.23 -17.83
C ALA F 114 30.33 -29.18 -17.04
N SER F 115 30.93 -30.08 -16.27
CA SER F 115 30.17 -31.01 -15.44
C SER F 115 29.34 -30.32 -14.34
N LYS F 116 29.73 -29.07 -14.01
CA LYS F 116 29.12 -28.34 -12.90
C LYS F 116 28.72 -26.89 -13.21
N TYR F 117 29.42 -26.25 -14.16
CA TYR F 117 29.19 -24.82 -14.47
C TYR F 117 28.97 -24.58 -15.96
N PRO F 118 28.13 -23.58 -16.30
CA PRO F 118 27.65 -23.35 -17.68
C PRO F 118 28.60 -22.61 -18.64
N ILE F 119 29.54 -21.84 -18.10
CA ILE F 119 30.43 -21.03 -18.93
C ILE F 119 31.79 -21.71 -19.07
N HIS F 120 32.13 -22.07 -20.32
CA HIS F 120 33.31 -22.88 -20.60
C HIS F 120 34.34 -22.18 -21.48
N VAL F 121 35.47 -21.83 -20.86
CA VAL F 121 36.60 -21.21 -21.54
C VAL F 121 37.89 -21.90 -21.07
N PHE F 122 38.99 -21.66 -21.77
CA PHE F 122 40.30 -22.13 -21.30
C PHE F 122 40.65 -21.42 -20.00
N LYS F 123 41.37 -22.10 -19.11
CA LYS F 123 41.87 -21.48 -17.88
C LYS F 123 42.64 -20.19 -18.18
N ALA F 124 43.33 -20.17 -19.33
CA ALA F 124 44.06 -18.99 -19.80
C ALA F 124 43.17 -17.76 -19.95
N VAL F 125 41.97 -17.95 -20.50
CA VAL F 125 41.00 -16.85 -20.62
C VAL F 125 40.51 -16.39 -19.24
N LYS F 126 40.16 -17.34 -18.37
CA LYS F 126 39.71 -17.03 -17.01
C LYS F 126 40.76 -16.22 -16.26
N ASP F 127 42.04 -16.58 -16.45
CA ASP F 127 43.17 -15.84 -15.88
C ASP F 127 43.22 -14.38 -16.36
N LEU F 128 42.88 -14.17 -17.63
CA LEU F 128 42.80 -12.83 -18.24
C LEU F 128 41.65 -12.00 -17.65
N TYR F 129 40.56 -12.68 -17.29
CA TYR F 129 39.42 -12.05 -16.64
C TYR F 129 39.74 -11.61 -15.21
N LYS F 130 40.35 -12.50 -14.44
CA LYS F 130 40.76 -12.20 -13.07
C LYS F 130 41.76 -11.06 -13.01
N LYS F 131 42.66 -11.04 -14.00
CA LYS F 131 43.66 -9.99 -14.15
C LYS F 131 43.03 -8.62 -14.42
N ALA F 132 41.99 -8.61 -15.24
CA ALA F 132 41.30 -7.39 -15.64
C ALA F 132 40.30 -6.86 -14.59
N PHE F 133 39.80 -7.76 -13.73
CA PHE F 133 38.68 -7.42 -12.85
C PHE F 133 39.01 -7.47 -11.37
N SER F 134 39.06 -6.28 -10.77
CA SER F 134 39.35 -6.12 -9.34
C SER F 134 38.22 -6.61 -8.45
N THR F 135 37.02 -6.75 -9.02
CA THR F 135 35.86 -7.21 -8.27
C THR F 135 35.76 -8.73 -8.22
N TRP F 136 36.50 -9.41 -9.09
CA TRP F 136 36.48 -10.88 -9.19
C TRP F 136 36.82 -11.49 -7.84
N LYS F 137 35.85 -12.23 -7.29
CA LYS F 137 35.98 -12.87 -5.97
C LYS F 137 35.27 -14.22 -6.02
N GLY F 138 35.87 -15.24 -5.41
CA GLY F 138 35.36 -16.60 -5.40
C GLY F 138 35.20 -17.20 -6.78
N LYS F 139 34.14 -17.96 -6.98
CA LYS F 139 33.72 -18.45 -8.29
C LYS F 139 33.28 -17.30 -9.21
N TYR F 140 32.67 -16.28 -8.62
CA TYR F 140 32.19 -15.08 -9.32
C TYR F 140 31.18 -15.39 -10.43
N ASN F 141 30.91 -14.43 -11.31
CA ASN F 141 29.93 -14.58 -12.39
C ASN F 141 30.29 -13.68 -13.56
N LEU F 142 29.99 -14.16 -14.76
CA LEU F 142 30.10 -13.34 -15.96
C LEU F 142 29.40 -11.98 -15.81
N TYR F 143 28.23 -11.96 -15.19
CA TYR F 143 27.48 -10.70 -15.03
C TYR F 143 28.16 -9.66 -14.13
N GLY F 144 28.97 -10.13 -13.19
CA GLY F 144 29.77 -9.25 -12.32
C GLY F 144 30.93 -8.66 -13.08
N ALA F 145 31.59 -9.49 -13.90
CA ALA F 145 32.64 -9.02 -14.81
C ALA F 145 32.13 -7.95 -15.80
N PHE F 146 30.94 -8.17 -16.37
CA PHE F 146 30.32 -7.23 -17.32
C PHE F 146 29.98 -5.91 -16.64
N LEU F 147 29.49 -6.00 -15.40
CA LEU F 147 29.18 -4.82 -14.58
C LEU F 147 30.42 -3.98 -14.29
N GLU F 148 31.52 -4.61 -13.88
CA GLU F 148 32.77 -3.89 -13.66
C GLU F 148 33.34 -3.29 -14.95
N LYS F 149 33.35 -4.09 -16.02
CA LYS F 149 33.82 -3.62 -17.32
C LYS F 149 33.05 -2.39 -17.80
N ALA F 150 31.72 -2.46 -17.74
CA ALA F 150 30.85 -1.32 -18.12
C ALA F 150 31.17 -0.03 -17.36
N VAL F 151 31.39 -0.14 -16.05
CA VAL F 151 31.72 1.03 -15.21
C VAL F 151 33.02 1.69 -15.67
N ARG F 152 33.99 0.86 -16.04
CA ARG F 152 35.32 1.31 -16.44
C ARG F 152 35.30 1.97 -17.81
N LEU F 153 34.29 1.62 -18.62
CA LEU F 153 34.10 2.18 -19.97
C LEU F 153 33.15 3.38 -19.98
N LEU F 154 32.74 3.81 -18.81
CA LEU F 154 31.88 4.98 -18.68
C LEU F 154 32.73 6.25 -18.60
N LYS F 155 32.31 7.28 -19.34
CA LYS F 155 32.81 8.65 -19.14
C LYS F 155 32.36 9.12 -17.77
N PRO F 156 33.06 10.12 -17.18
CA PRO F 156 32.56 10.79 -15.99
C PRO F 156 31.14 11.33 -16.18
N GLY F 157 30.25 11.05 -15.22
CA GLY F 157 28.82 11.36 -15.37
C GLY F 157 28.06 10.48 -16.34
N GLY F 158 28.72 9.46 -16.90
CA GLY F 158 28.07 8.50 -17.80
C GLY F 158 27.16 7.53 -17.08
N VAL F 159 26.17 7.00 -17.80
CA VAL F 159 25.14 6.15 -17.21
C VAL F 159 25.14 4.72 -17.75
N LEU F 160 24.98 3.77 -16.84
CA LEU F 160 24.85 2.36 -17.17
C LEU F 160 23.52 1.80 -16.67
N VAL F 161 22.85 1.01 -17.50
CA VAL F 161 21.58 0.37 -17.15
C VAL F 161 21.56 -1.10 -17.60
N PHE F 162 21.67 -2.00 -16.63
CA PHE F 162 21.72 -3.44 -16.86
C PHE F 162 20.57 -4.16 -16.15
N VAL F 163 20.14 -5.30 -16.69
CA VAL F 163 19.32 -6.26 -15.93
C VAL F 163 20.15 -7.50 -15.59
N VAL F 164 20.22 -7.81 -14.30
CA VAL F 164 21.07 -8.89 -13.78
C VAL F 164 20.34 -9.71 -12.71
N PRO F 165 20.91 -10.86 -12.30
CA PRO F 165 20.41 -11.52 -11.09
C PRO F 165 20.51 -10.60 -9.87
N ALA F 166 19.63 -10.84 -8.89
CA ALA F 166 19.53 -10.08 -7.65
C ALA F 166 20.60 -10.52 -6.65
N THR F 167 21.38 -11.52 -7.04
CA THR F 167 22.26 -12.20 -6.10
C THR F 167 23.34 -11.27 -5.54
N TRP F 168 23.81 -10.34 -6.35
CA TRP F 168 24.86 -9.39 -5.95
C TRP F 168 24.50 -8.45 -4.80
N LEU F 169 23.21 -8.29 -4.50
CA LEU F 169 22.76 -7.45 -3.38
C LEU F 169 23.16 -8.02 -2.02
N VAL F 170 23.24 -9.35 -1.92
CA VAL F 170 23.44 -10.03 -0.62
C VAL F 170 24.71 -10.88 -0.46
N LEU F 171 25.21 -11.46 -1.56
CA LEU F 171 26.20 -12.54 -1.49
C LEU F 171 27.64 -12.08 -1.41
N GLU F 172 28.46 -12.93 -0.78
CA GLU F 172 29.88 -12.63 -0.52
C GLU F 172 30.72 -12.52 -1.79
N ASP F 173 30.43 -13.33 -2.79
CA ASP F 173 31.18 -13.24 -4.06
C ASP F 173 31.14 -11.85 -4.66
N PHE F 174 30.17 -11.03 -4.23
CA PHE F 174 29.92 -9.72 -4.83
C PHE F 174 30.26 -8.53 -3.91
N ALA F 175 30.87 -8.85 -2.78
CA ALA F 175 31.29 -7.82 -1.84
C ALA F 175 32.22 -6.76 -2.46
N LEU F 176 33.24 -7.21 -3.22
CA LEU F 176 34.16 -6.30 -3.89
C LEU F 176 33.46 -5.45 -4.96
N LEU F 177 32.51 -6.07 -5.66
CA LEU F 177 31.70 -5.39 -6.67
C LEU F 177 30.81 -4.30 -6.06
N ARG F 178 30.19 -4.59 -4.92
CA ARG F 178 29.36 -3.59 -4.22
C ARG F 178 30.18 -2.41 -3.71
N GLU F 179 31.31 -2.70 -3.08
CA GLU F 179 32.23 -1.65 -2.60
C GLU F 179 32.72 -0.74 -3.72
N PHE F 180 32.95 -1.36 -4.88
CA PHE F 180 33.43 -0.73 -6.11
C PHE F 180 32.40 0.22 -6.71
N LEU F 181 31.16 -0.26 -6.88
CA LEU F 181 30.07 0.59 -7.36
C LEU F 181 29.85 1.74 -6.40
N ALA F 182 29.98 1.46 -5.10
CA ALA F 182 29.79 2.44 -4.04
C ALA F 182 30.80 3.58 -4.07
N ARG F 183 32.04 3.29 -4.46
CA ARG F 183 33.07 4.33 -4.53
C ARG F 183 33.20 4.98 -5.92
N GLU F 184 32.61 4.36 -6.95
CA GLU F 184 32.77 4.82 -8.32
C GLU F 184 31.68 5.81 -8.76
N GLY F 185 30.56 5.82 -8.05
CA GLY F 185 29.50 6.80 -8.30
C GLY F 185 28.25 6.50 -7.51
N LYS F 186 27.08 6.74 -8.14
CA LYS F 186 25.78 6.51 -7.50
C LYS F 186 24.99 5.35 -8.14
N THR F 187 24.33 4.58 -7.29
CA THR F 187 23.66 3.34 -7.68
C THR F 187 22.16 3.35 -7.36
N SER F 188 21.33 3.07 -8.36
CA SER F 188 19.90 2.80 -8.14
C SER F 188 19.56 1.36 -8.52
N VAL F 189 18.92 0.66 -7.59
CA VAL F 189 18.52 -0.74 -7.77
C VAL F 189 17.00 -0.85 -7.80
N TYR F 190 16.47 -1.43 -8.87
CA TYR F 190 15.01 -1.58 -9.08
C TYR F 190 14.65 -3.06 -9.14
N TYR F 191 14.01 -3.55 -8.07
CA TYR F 191 13.67 -4.96 -7.97
C TYR F 191 12.56 -5.37 -8.93
N LEU F 192 12.83 -6.41 -9.72
CA LEU F 192 11.88 -6.94 -10.67
C LEU F 192 11.37 -8.32 -10.23
N GLY F 193 12.29 -9.18 -9.83
CA GLY F 193 11.94 -10.55 -9.42
C GLY F 193 12.02 -11.52 -10.58
N GLU F 194 11.16 -12.53 -10.54
CA GLU F 194 11.18 -13.58 -11.55
C GLU F 194 10.46 -13.19 -12.85
N VAL F 195 11.04 -12.23 -13.57
CA VAL F 195 10.43 -11.68 -14.77
C VAL F 195 10.79 -12.41 -16.08
N PHE F 196 11.75 -13.34 -16.03
CA PHE F 196 12.16 -14.11 -17.22
C PHE F 196 11.43 -15.45 -17.33
N PRO F 197 10.64 -15.65 -18.42
CA PRO F 197 9.94 -16.91 -18.69
C PRO F 197 10.87 -18.11 -18.77
N GLN F 198 10.43 -19.25 -18.25
CA GLN F 198 11.21 -20.51 -18.30
C GLN F 198 12.68 -20.29 -17.89
N LYS F 199 12.90 -19.52 -16.82
CA LYS F 199 14.26 -19.12 -16.43
C LYS F 199 14.34 -18.76 -14.95
N LYS F 200 14.95 -19.66 -14.18
CA LYS F 200 15.05 -19.56 -12.73
C LYS F 200 16.05 -18.49 -12.31
N VAL F 201 15.54 -17.27 -12.18
CA VAL F 201 16.34 -16.11 -11.81
C VAL F 201 15.41 -15.00 -11.29
N SER F 202 15.76 -14.45 -10.13
CA SER F 202 15.15 -13.24 -9.61
C SER F 202 16.08 -12.08 -10.03
N ALA F 203 15.49 -11.06 -10.65
CA ALA F 203 16.26 -10.02 -11.29
C ALA F 203 16.08 -8.64 -10.67
N VAL F 204 17.15 -7.85 -10.74
CA VAL F 204 17.08 -6.41 -10.48
C VAL F 204 17.55 -5.66 -11.72
N VAL F 205 17.10 -4.42 -11.86
CA VAL F 205 17.68 -3.48 -12.82
C VAL F 205 18.65 -2.56 -12.06
N ILE F 206 19.85 -2.39 -12.59
CA ILE F 206 20.78 -1.40 -12.04
C ILE F 206 20.89 -0.16 -12.95
N ARG F 207 20.80 1.01 -12.32
CA ARG F 207 21.10 2.27 -12.98
C ARG F 207 22.25 2.87 -12.20
N PHE F 208 23.42 2.88 -12.80
CA PHE F 208 24.61 3.45 -12.19
C PHE F 208 25.00 4.69 -12.96
N GLN F 209 25.34 5.75 -12.24
CA GLN F 209 25.91 6.94 -12.84
C GLN F 209 27.30 7.17 -12.27
N LYS F 210 28.27 7.36 -13.15
CA LYS F 210 29.66 7.51 -12.75
C LYS F 210 29.92 8.90 -12.16
N SER F 211 29.25 9.20 -11.05
CA SER F 211 29.35 10.50 -10.38
C SER F 211 28.53 10.47 -9.10
N GLY F 212 28.84 11.36 -8.17
CA GLY F 212 28.11 11.41 -6.90
C GLY F 212 28.31 10.17 -6.07
N LYS F 213 27.37 9.90 -5.17
CA LYS F 213 27.43 8.70 -4.33
C LYS F 213 26.07 8.27 -3.78
N GLY F 214 26.07 7.14 -3.08
CA GLY F 214 24.85 6.66 -2.42
C GLY F 214 24.14 5.57 -3.18
N LEU F 215 23.18 4.96 -2.49
CA LEU F 215 22.34 3.91 -3.05
C LEU F 215 20.87 4.27 -2.91
N SER F 216 20.11 4.05 -3.97
CA SER F 216 18.65 4.11 -3.90
C SER F 216 18.07 2.74 -4.21
N LEU F 217 17.18 2.28 -3.34
CA LEU F 217 16.49 1.02 -3.56
C LEU F 217 15.05 1.30 -3.95
N TRP F 218 14.60 0.64 -5.01
CA TRP F 218 13.26 0.80 -5.54
C TRP F 218 12.59 -0.55 -5.68
N ASP F 219 11.30 -0.57 -5.37
CA ASP F 219 10.44 -1.67 -5.76
C ASP F 219 9.88 -1.30 -7.15
N THR F 220 9.27 -2.26 -7.83
CA THR F 220 8.55 -1.97 -9.07
C THR F 220 7.17 -2.60 -9.04
N GLN F 221 6.33 -2.15 -9.95
CA GLN F 221 5.07 -2.82 -10.26
C GLN F 221 4.87 -2.81 -11.76
N GLU F 222 4.19 -3.83 -12.24
CA GLU F 222 3.88 -3.91 -13.66
C GLU F 222 2.94 -2.78 -14.07
N SER F 223 3.32 -2.12 -15.16
CA SER F 223 2.51 -1.06 -15.73
C SER F 223 2.00 -1.52 -17.10
N GLU F 224 1.42 -0.58 -17.85
CA GLU F 224 0.74 -0.91 -19.11
C GLU F 224 1.66 -1.51 -20.17
N SER F 225 2.89 -0.98 -20.27
CA SER F 225 3.85 -1.46 -21.24
C SER F 225 5.19 -1.89 -20.64
N GLY F 226 5.37 -1.64 -19.34
CA GLY F 226 6.59 -2.01 -18.64
C GLY F 226 6.45 -2.16 -17.13
N PHE F 227 7.12 -1.28 -16.39
CA PHE F 227 7.17 -1.32 -14.93
C PHE F 227 7.17 0.10 -14.38
N THR F 228 6.54 0.28 -13.22
CA THR F 228 6.61 1.56 -12.51
C THR F 228 7.50 1.40 -11.29
N PRO F 229 8.49 2.29 -11.14
CA PRO F 229 9.36 2.26 -9.95
C PRO F 229 8.73 2.89 -8.70
N ILE F 230 8.81 2.18 -7.57
CA ILE F 230 8.37 2.73 -6.29
C ILE F 230 9.58 2.88 -5.37
N LEU F 231 9.89 4.11 -4.97
CA LEU F 231 11.03 4.34 -4.06
C LEU F 231 10.83 3.63 -2.72
N TRP F 232 11.82 2.82 -2.33
CA TRP F 232 11.73 2.08 -1.09
C TRP F 232 12.60 2.69 0.00
N ALA F 233 13.87 2.90 -0.33
CA ALA F 233 14.86 3.32 0.65
C ALA F 233 16.06 3.97 -0.01
N GLU F 234 16.74 4.82 0.74
CA GLU F 234 17.89 5.54 0.25
C GLU F 234 19.00 5.51 1.28
N TYR F 235 20.21 5.17 0.81
CA TYR F 235 21.37 5.06 1.69
C TYR F 235 22.51 5.95 1.20
N PRO F 236 22.46 7.27 1.48
CA PRO F 236 23.43 8.24 1.00
C PRO F 236 24.89 7.89 1.25
N HIS F 237 25.16 7.11 2.29
CA HIS F 237 26.53 6.77 2.69
C HIS F 237 26.91 5.31 2.43
N TRP F 238 26.22 4.65 1.49
CA TRP F 238 26.48 3.26 1.13
C TRP F 238 27.93 3.05 0.72
N GLU F 239 28.59 2.11 1.41
CA GLU F 239 29.99 1.77 1.15
C GLU F 239 30.12 0.34 0.62
N GLY F 240 29.01 -0.23 0.19
CA GLY F 240 29.01 -1.57 -0.38
C GLY F 240 28.48 -2.63 0.55
N GLU F 241 27.73 -2.20 1.57
CA GLU F 241 27.06 -3.12 2.50
C GLU F 241 25.96 -3.90 1.79
N ILE F 242 25.61 -5.07 2.35
CA ILE F 242 24.50 -5.87 1.86
C ILE F 242 23.23 -5.01 1.73
N ILE F 243 22.52 -5.20 0.61
CA ILE F 243 21.32 -4.44 0.28
C ILE F 243 20.09 -5.27 0.61
N ARG F 244 19.23 -4.73 1.46
CA ARG F 244 18.04 -5.44 1.91
C ARG F 244 16.82 -4.54 1.86
N PHE F 245 15.65 -5.16 1.84
CA PHE F 245 14.40 -4.42 1.96
C PHE F 245 14.01 -4.29 3.43
N GLU F 246 14.51 -3.23 4.06
CA GLU F 246 14.25 -2.95 5.47
C GLU F 246 12.96 -2.16 5.67
N THR F 247 12.25 -2.50 6.75
CA THR F 247 11.07 -1.77 7.18
C THR F 247 11.26 -1.37 8.64
N GLU F 248 10.30 -0.61 9.17
CA GLU F 248 10.23 -0.30 10.61
C GLU F 248 10.26 -1.57 11.47
N GLU F 249 9.60 -2.63 10.98
CA GLU F 249 9.49 -3.93 11.68
C GLU F 249 10.78 -4.73 11.70
N THR F 250 11.56 -4.67 10.62
CA THR F 250 12.82 -5.41 10.56
C THR F 250 13.89 -4.77 11.45
N ARG F 251 13.95 -3.44 11.40
CA ARG F 251 14.89 -2.65 12.21
C ARG F 251 14.65 -2.83 13.71
N LYS F 252 13.37 -2.86 14.09
CA LYS F 252 12.90 -2.99 15.46
C LYS F 252 13.24 -4.37 16.04
N LEU F 253 13.01 -5.41 15.26
CA LEU F 253 13.33 -6.77 15.70
C LEU F 253 14.84 -6.95 15.88
N GLU F 254 15.63 -6.33 15.01
CA GLU F 254 17.08 -6.52 15.02
C GLU F 254 17.74 -5.90 16.24
N ILE F 255 17.31 -4.69 16.60
CA ILE F 255 17.79 -4.04 17.82
C ILE F 255 17.21 -4.68 19.10
N SER F 256 16.08 -5.39 18.98
CA SER F 256 15.40 -6.00 20.14
C SER F 256 16.13 -7.17 20.82
N GLY F 257 17.13 -7.73 20.14
CA GLY F 257 17.83 -8.92 20.62
C GLY F 257 19.26 -9.01 20.11
N MET F 258 19.99 -10.00 20.60
CA MET F 258 21.36 -10.25 20.20
C MET F 258 21.41 -10.90 18.81
N PRO F 259 22.40 -10.52 17.97
CA PRO F 259 22.61 -11.24 16.72
C PRO F 259 23.00 -12.69 17.03
N LEU F 260 22.34 -13.64 16.38
CA LEU F 260 22.60 -15.07 16.59
C LEU F 260 24.09 -15.45 16.44
N GLY F 261 24.78 -14.73 15.56
CA GLY F 261 26.23 -14.94 15.37
C GLY F 261 27.09 -14.53 16.56
N ASP F 262 26.53 -13.74 17.46
CA ASP F 262 27.26 -13.34 18.67
C ASP F 262 27.15 -14.41 19.77
N LEU F 263 26.25 -15.37 19.57
CA LEU F 263 25.98 -16.45 20.52
C LEU F 263 26.54 -17.80 20.07
N PHE F 264 26.75 -17.96 18.76
CA PHE F 264 27.12 -19.25 18.19
C PHE F 264 28.30 -19.19 17.23
N HIS F 265 29.12 -20.24 17.27
CA HIS F 265 30.03 -20.54 16.18
C HIS F 265 29.20 -21.23 15.10
N ILE F 266 29.26 -20.69 13.88
CA ILE F 266 28.49 -21.23 12.75
C ILE F 266 29.42 -21.88 11.73
N ARG F 267 29.25 -23.19 11.58
CA ARG F 267 30.09 -24.00 10.72
C ARG F 267 29.18 -24.61 9.67
N PHE F 268 29.76 -25.06 8.57
CA PHE F 268 28.97 -25.74 7.56
C PHE F 268 29.33 -27.20 7.59
N ALA F 269 28.53 -28.02 6.92
CA ALA F 269 28.76 -29.44 6.90
C ALA F 269 29.97 -29.74 6.06
N ALA F 270 30.59 -30.90 6.33
CA ALA F 270 31.53 -31.50 5.40
C ALA F 270 30.79 -31.67 4.07
N ARG F 271 31.52 -31.48 2.98
CA ARG F 271 30.93 -31.52 1.65
C ARG F 271 30.92 -32.94 1.10
N SER F 272 30.09 -33.20 0.09
CA SER F 272 29.96 -34.54 -0.51
C SER F 272 31.31 -35.27 -0.79
N PRO F 273 32.28 -34.59 -1.44
CA PRO F 273 33.51 -35.35 -1.78
C PRO F 273 34.31 -35.80 -0.55
N GLU F 274 34.11 -35.11 0.57
CA GLU F 274 34.79 -35.44 1.83
C GLU F 274 34.34 -36.80 2.37
N PHE F 275 33.03 -36.99 2.49
CA PHE F 275 32.42 -38.29 2.79
C PHE F 275 32.85 -39.37 1.80
N LYS F 276 32.66 -39.09 0.51
CA LYS F 276 32.98 -40.03 -0.58
C LYS F 276 34.39 -40.63 -0.46
N LYS F 277 35.37 -39.81 -0.08
CA LYS F 277 36.76 -40.29 0.01
C LYS F 277 37.12 -40.90 1.36
N HIS F 278 36.21 -40.82 2.33
CA HIS F 278 36.42 -41.40 3.67
C HIS F 278 36.27 -42.95 3.67
N PRO F 279 37.27 -43.66 4.26
CA PRO F 279 37.33 -45.14 4.26
C PRO F 279 36.11 -45.87 4.84
N ALA F 280 35.37 -45.22 5.75
CA ALA F 280 34.19 -45.82 6.38
C ALA F 280 32.85 -45.61 5.65
N VAL F 281 32.82 -44.77 4.63
CA VAL F 281 31.57 -44.48 3.92
C VAL F 281 31.25 -45.53 2.83
N ARG F 282 29.99 -45.96 2.76
CA ARG F 282 29.51 -46.92 1.78
C ARG F 282 28.32 -46.40 0.94
N LYS F 283 28.12 -46.99 -0.24
CA LYS F 283 27.01 -46.61 -1.12
C LYS F 283 25.76 -47.43 -0.83
N GLU F 284 25.87 -48.38 0.11
CA GLU F 284 24.79 -49.31 0.39
C GLU F 284 24.56 -49.37 1.90
N PRO F 285 23.30 -49.61 2.32
CA PRO F 285 23.04 -49.73 3.76
C PRO F 285 23.65 -51.00 4.35
N GLY F 286 24.08 -50.92 5.60
CA GLY F 286 24.70 -52.06 6.27
C GLY F 286 24.39 -52.10 7.75
N PRO F 287 24.91 -53.12 8.46
CA PRO F 287 24.76 -53.13 9.90
C PRO F 287 25.76 -52.17 10.52
N GLY F 288 25.27 -51.27 11.36
CA GLY F 288 26.11 -50.25 11.96
C GLY F 288 26.28 -49.01 11.11
N LEU F 289 25.75 -49.02 9.89
CA LEU F 289 25.79 -47.86 9.00
C LEU F 289 24.50 -47.03 9.11
N VAL F 290 24.68 -45.73 8.98
CA VAL F 290 23.63 -44.75 9.22
C VAL F 290 23.65 -43.78 8.03
N PRO F 291 22.47 -43.26 7.62
CA PRO F 291 22.45 -42.35 6.48
C PRO F 291 23.21 -41.05 6.73
N VAL F 292 23.97 -40.60 5.75
CA VAL F 292 24.53 -39.24 5.79
C VAL F 292 23.40 -38.28 5.39
N LEU F 293 23.03 -37.39 6.30
CA LEU F 293 21.84 -36.55 6.08
C LEU F 293 22.09 -35.35 5.16
N THR F 294 21.02 -34.89 4.51
CA THR F 294 21.03 -33.69 3.65
C THR F 294 19.93 -32.73 4.09
N GLY F 295 19.76 -31.62 3.36
CA GLY F 295 18.66 -30.67 3.62
C GLY F 295 17.28 -31.31 3.65
N ARG F 296 17.15 -32.43 2.94
CA ARG F 296 15.89 -33.18 2.86
C ARG F 296 15.57 -33.94 4.15
N ASN F 297 16.54 -34.04 5.06
CA ASN F 297 16.33 -34.64 6.37
C ASN F 297 16.04 -33.59 7.44
N LEU F 298 16.24 -32.32 7.10
CA LEU F 298 15.97 -31.22 8.03
C LEU F 298 14.54 -30.70 7.92
N LYS F 299 13.83 -30.73 9.04
CA LYS F 299 12.45 -30.28 9.13
C LYS F 299 12.31 -29.20 10.21
N PRO F 300 11.21 -28.43 10.18
CA PRO F 300 10.98 -27.40 11.21
C PRO F 300 10.81 -28.01 12.60
N GLY F 301 11.91 -28.14 13.34
CA GLY F 301 11.86 -28.65 14.71
C GLY F 301 12.06 -30.14 14.85
N TRP F 302 12.32 -30.83 13.75
CA TRP F 302 12.66 -32.25 13.84
C TRP F 302 13.64 -32.69 12.75
N VAL F 303 14.20 -33.87 12.93
CA VAL F 303 15.08 -34.48 11.94
C VAL F 303 14.55 -35.87 11.60
N ASP F 304 14.30 -36.10 10.32
CA ASP F 304 14.03 -37.42 9.78
C ASP F 304 15.35 -38.19 9.62
N TYR F 305 15.58 -39.14 10.50
CA TYR F 305 16.83 -39.90 10.56
C TYR F 305 16.80 -41.14 9.70
N GLU F 306 15.66 -41.43 9.08
CA GLU F 306 15.48 -42.73 8.44
C GLU F 306 15.61 -42.74 6.91
N LYS F 307 15.10 -41.69 6.26
CA LYS F 307 15.20 -41.53 4.79
C LYS F 307 16.60 -41.12 4.35
N ASN F 308 17.29 -42.01 3.64
CA ASN F 308 18.58 -41.66 3.04
C ASN F 308 18.36 -40.87 1.74
N HIS F 309 18.97 -39.68 1.67
CA HIS F 309 18.83 -38.80 0.51
C HIS F 309 20.15 -38.55 -0.24
N SER F 310 21.26 -38.78 0.46
CA SER F 310 22.61 -38.55 -0.08
C SER F 310 23.16 -39.76 -0.83
N GLY F 311 22.55 -40.93 -0.63
CA GLY F 311 23.03 -42.18 -1.23
C GLY F 311 24.33 -42.65 -0.61
N LEU F 312 24.61 -42.15 0.60
CA LEU F 312 25.84 -42.46 1.33
C LEU F 312 25.52 -42.90 2.76
N TRP F 313 26.29 -43.87 3.25
CA TRP F 313 26.15 -44.40 4.61
C TRP F 313 27.51 -44.49 5.31
N MET F 314 27.49 -44.37 6.64
CA MET F 314 28.69 -44.56 7.46
C MET F 314 28.36 -44.92 8.91
N PRO F 315 29.33 -45.51 9.64
CA PRO F 315 29.06 -45.72 11.06
C PRO F 315 28.94 -44.36 11.76
N LYS F 316 27.86 -44.16 12.50
CA LYS F 316 27.63 -42.91 13.21
C LYS F 316 28.83 -42.52 14.06
N GLU F 317 29.52 -43.52 14.63
CA GLU F 317 30.60 -43.26 15.57
C GLU F 317 31.79 -42.56 14.90
N ARG F 318 31.92 -42.75 13.58
CA ARG F 318 33.03 -42.23 12.77
C ARG F 318 32.73 -40.88 12.10
N ALA F 319 31.53 -40.34 12.35
CA ALA F 319 31.11 -39.09 11.72
C ALA F 319 31.98 -37.91 12.19
N LYS F 320 32.44 -37.98 13.43
CA LYS F 320 33.31 -36.94 14.02
C LYS F 320 34.69 -36.83 13.38
N GLU F 321 35.08 -37.84 12.61
CA GLU F 321 36.30 -37.78 11.80
C GLU F 321 36.18 -36.78 10.65
N LEU F 322 34.96 -36.61 10.14
CA LEU F 322 34.70 -35.58 9.12
C LEU F 322 34.65 -34.18 9.74
N ARG F 323 33.82 -34.01 10.77
CA ARG F 323 33.81 -32.80 11.60
C ARG F 323 33.64 -33.16 13.08
N ASP F 324 34.48 -32.59 13.96
CA ASP F 324 34.44 -32.93 15.39
C ASP F 324 33.12 -32.60 16.09
N PHE F 325 32.40 -31.62 15.57
CA PHE F 325 31.10 -31.24 16.14
C PHE F 325 29.99 -32.24 15.81
N TYR F 326 30.24 -33.14 14.85
CA TYR F 326 29.31 -34.24 14.57
C TYR F 326 29.15 -35.21 15.75
N ALA F 327 30.05 -35.09 16.73
CA ALA F 327 30.05 -35.95 17.91
C ALA F 327 29.05 -35.47 18.96
N THR F 328 28.72 -34.18 18.89
CA THR F 328 27.90 -33.48 19.88
C THR F 328 26.52 -33.16 19.31
N PRO F 329 25.46 -33.40 20.09
CA PRO F 329 24.12 -32.94 19.72
C PRO F 329 24.08 -31.41 19.65
N HIS F 330 23.46 -30.87 18.60
CA HIS F 330 23.57 -29.43 18.32
C HIS F 330 22.48 -28.91 17.38
N LEU F 331 22.35 -27.59 17.37
CA LEU F 331 21.43 -26.88 16.49
C LEU F 331 21.89 -26.87 15.03
N VAL F 332 20.99 -27.29 14.14
CA VAL F 332 21.18 -27.28 12.69
C VAL F 332 20.16 -26.33 12.05
N VAL F 333 20.63 -25.47 11.16
CA VAL F 333 19.75 -24.55 10.43
C VAL F 333 19.91 -24.79 8.93
N ALA F 334 18.82 -24.67 8.20
CA ALA F 334 18.81 -24.95 6.75
C ALA F 334 19.53 -23.90 5.92
N HIS F 335 20.13 -24.35 4.82
CA HIS F 335 20.75 -23.47 3.85
C HIS F 335 19.93 -23.32 2.56
N THR F 336 19.29 -24.40 2.11
CA THR F 336 18.72 -24.43 0.77
C THR F 336 17.23 -24.81 0.78
N LYS F 337 16.47 -24.04 1.54
CA LYS F 337 15.01 -24.15 1.59
C LYS F 337 14.37 -22.83 1.15
N GLY F 338 15.15 -21.99 0.49
CA GLY F 338 14.68 -20.68 0.07
C GLY F 338 14.93 -19.68 1.18
N THR F 339 14.35 -18.50 1.07
CA THR F 339 14.57 -17.50 2.12
C THR F 339 13.64 -17.80 3.30
N ARG F 340 14.13 -18.69 4.16
CA ARG F 340 13.46 -19.04 5.41
C ARG F 340 14.47 -19.50 6.48
N VAL F 341 13.98 -19.60 7.71
CA VAL F 341 14.75 -20.11 8.84
C VAL F 341 14.08 -21.42 9.30
N VAL F 342 14.66 -22.54 8.90
CA VAL F 342 14.19 -23.85 9.35
C VAL F 342 15.30 -24.46 10.20
N ALA F 343 14.97 -24.74 11.47
CA ALA F 343 15.95 -25.20 12.45
C ALA F 343 15.47 -26.40 13.26
N ALA F 344 16.44 -27.19 13.72
CA ALA F 344 16.16 -28.29 14.62
C ALA F 344 17.37 -28.65 15.47
N TRP F 345 17.09 -29.23 16.64
CA TRP F 345 18.11 -29.86 17.45
C TRP F 345 18.35 -31.29 16.96
N ASP F 346 19.57 -31.54 16.50
CA ASP F 346 20.04 -32.89 16.19
C ASP F 346 20.47 -33.54 17.50
N GLU F 347 19.59 -34.34 18.12
CA GLU F 347 19.98 -34.95 19.39
C GLU F 347 20.70 -36.29 19.28
N ARG F 348 20.65 -36.90 18.09
CA ARG F 348 21.36 -38.15 17.85
C ARG F 348 22.79 -37.91 17.36
N ALA F 349 23.12 -36.65 17.06
CA ALA F 349 24.39 -36.26 16.46
C ALA F 349 24.78 -37.13 15.25
N TYR F 350 24.25 -36.79 14.08
CA TYR F 350 24.47 -37.58 12.88
C TYR F 350 25.56 -37.00 11.96
N PRO F 351 26.06 -37.81 10.99
CA PRO F 351 26.82 -37.25 9.87
C PRO F 351 25.89 -36.45 8.96
N TRP F 352 26.21 -35.18 8.74
CA TRP F 352 25.44 -34.34 7.82
C TRP F 352 26.30 -33.96 6.62
N ARG F 353 25.70 -33.96 5.43
CA ARG F 353 26.37 -33.58 4.19
C ARG F 353 26.09 -32.11 3.84
N GLU F 354 25.06 -31.55 4.47
CA GLU F 354 24.58 -30.19 4.17
C GLU F 354 24.26 -29.42 5.45
N GLU F 355 24.02 -28.11 5.29
CA GLU F 355 23.40 -27.23 6.32
C GLU F 355 24.40 -26.56 7.26
N PHE F 356 23.90 -25.58 8.02
CA PHE F 356 24.70 -24.88 9.02
C PHE F 356 24.66 -25.61 10.36
N HIS F 357 25.80 -25.67 11.02
CA HIS F 357 25.90 -26.37 12.30
C HIS F 357 26.37 -25.41 13.38
N LEU F 358 25.47 -25.16 14.33
CA LEU F 358 25.61 -24.07 15.30
C LEU F 358 26.06 -24.58 16.67
N LEU F 359 27.23 -24.09 17.10
CA LEU F 359 27.87 -24.54 18.33
C LEU F 359 28.06 -23.37 19.29
N PRO F 360 27.43 -23.46 20.49
CA PRO F 360 27.39 -22.41 21.51
C PRO F 360 28.78 -21.93 21.92
N LYS F 361 28.97 -20.61 21.87
CA LYS F 361 30.25 -20.00 22.21
C LYS F 361 30.56 -20.12 23.69
N GLU F 362 31.85 -20.15 24.02
CA GLU F 362 32.32 -20.22 25.39
C GLU F 362 31.54 -19.26 26.29
N GLY F 363 30.89 -19.84 27.30
CA GLY F 363 30.19 -19.07 28.33
C GLY F 363 28.75 -18.70 28.01
N VAL F 364 28.19 -19.36 26.99
CA VAL F 364 26.84 -19.02 26.50
C VAL F 364 25.76 -19.93 27.09
N ARG F 365 24.69 -19.31 27.54
CA ARG F 365 23.54 -20.00 28.12
C ARG F 365 22.39 -19.94 27.11
N LEU F 366 21.91 -21.11 26.71
CA LEU F 366 20.78 -21.19 25.78
C LEU F 366 19.67 -22.11 26.29
N ASP F 367 18.43 -21.77 25.94
CA ASP F 367 17.30 -22.68 26.07
C ASP F 367 17.02 -23.26 24.69
N PRO F 368 17.55 -24.46 24.40
CA PRO F 368 17.60 -25.02 23.03
C PRO F 368 16.23 -25.11 22.34
N SER F 369 15.23 -25.64 23.02
CA SER F 369 13.90 -25.87 22.45
C SER F 369 13.10 -24.59 22.16
N SER F 370 13.19 -23.61 23.07
CA SER F 370 12.51 -22.32 22.88
C SER F 370 13.18 -21.47 21.80
N LEU F 371 14.50 -21.59 21.67
CA LEU F 371 15.24 -21.00 20.55
C LEU F 371 14.84 -21.63 19.21
N VAL F 372 14.76 -22.96 19.16
CA VAL F 372 14.26 -23.68 17.97
C VAL F 372 12.84 -23.21 17.61
N GLN F 373 11.97 -23.08 18.62
CA GLN F 373 10.61 -22.53 18.42
C GLN F 373 10.63 -21.15 17.76
N TRP F 374 11.44 -20.24 18.32
CA TRP F 374 11.60 -18.87 17.80
C TRP F 374 12.15 -18.81 16.37
N LEU F 375 13.18 -19.61 16.09
CA LEU F 375 13.75 -19.67 14.74
C LEU F 375 12.74 -20.12 13.68
N ASN F 376 11.90 -21.09 14.03
CA ASN F 376 10.88 -21.62 13.11
C ASN F 376 9.58 -20.82 13.09
N SER F 377 9.51 -19.74 13.86
CA SER F 377 8.27 -18.95 14.04
C SER F 377 7.88 -18.15 12.80
N GLU F 378 6.60 -17.84 12.68
CA GLU F 378 6.10 -17.05 11.54
C GLU F 378 6.73 -15.66 11.52
N ALA F 379 6.89 -15.09 12.71
CA ALA F 379 7.57 -13.79 12.89
C ALA F 379 8.94 -13.79 12.22
N MET F 380 9.69 -14.87 12.41
CA MET F 380 11.01 -15.03 11.83
C MET F 380 10.96 -15.24 10.32
N GLN F 381 9.97 -15.99 9.85
CA GLN F 381 9.80 -16.25 8.41
C GLN F 381 9.46 -14.98 7.63
N LYS F 382 8.61 -14.14 8.21
CA LYS F 382 8.23 -12.86 7.61
C LYS F 382 9.42 -11.89 7.60
N HIS F 383 10.23 -11.96 8.66
CA HIS F 383 11.42 -11.12 8.83
C HIS F 383 12.48 -11.28 7.72
N VAL F 384 12.86 -12.51 7.42
CA VAL F 384 13.86 -12.78 6.37
C VAL F 384 13.27 -12.55 4.97
N ARG F 385 12.00 -12.90 4.81
CA ARG F 385 11.29 -12.76 3.54
C ARG F 385 11.11 -11.27 3.17
N THR F 386 10.89 -10.42 4.18
CA THR F 386 10.85 -8.97 4.01
C THR F 386 12.24 -8.44 3.58
N LEU F 387 13.25 -8.74 4.39
CA LEU F 387 14.61 -8.26 4.16
C LEU F 387 15.21 -8.71 2.84
N TYR F 388 15.05 -9.99 2.51
CA TYR F 388 15.85 -10.61 1.45
C TYR F 388 15.05 -11.14 0.27
N ARG F 389 13.72 -11.06 0.36
CA ARG F 389 12.81 -11.49 -0.70
C ARG F 389 13.19 -12.84 -1.28
N ASP F 390 13.36 -12.91 -2.60
CA ASP F 390 13.77 -14.13 -3.28
C ASP F 390 15.06 -13.94 -4.08
N PHE F 391 15.95 -13.04 -3.61
CA PHE F 391 17.20 -12.74 -4.33
C PHE F 391 17.95 -14.02 -4.66
N VAL F 392 18.11 -14.86 -3.64
CA VAL F 392 18.86 -16.12 -3.72
C VAL F 392 18.03 -17.26 -3.11
N PRO F 393 18.25 -18.51 -3.56
CA PRO F 393 17.47 -19.66 -3.06
C PRO F 393 18.00 -20.30 -1.76
N HIS F 394 18.44 -19.45 -0.83
CA HIS F 394 19.16 -19.88 0.35
C HIS F 394 18.85 -18.99 1.53
N LEU F 395 19.05 -19.54 2.72
CA LEU F 395 19.37 -18.70 3.88
C LEU F 395 20.90 -18.75 3.96
N THR F 396 21.55 -17.61 3.79
CA THR F 396 23.01 -17.54 3.76
C THR F 396 23.60 -17.29 5.16
N LEU F 397 24.90 -17.49 5.31
CA LEU F 397 25.57 -17.21 6.60
C LEU F 397 25.41 -15.73 7.01
N ARG F 398 25.47 -14.83 6.05
CA ARG F 398 25.34 -13.40 6.35
C ARG F 398 23.92 -13.01 6.77
N MET F 399 22.92 -13.76 6.32
CA MET F 399 21.54 -13.62 6.81
C MET F 399 21.36 -14.26 8.18
N LEU F 400 21.88 -15.48 8.33
CA LEU F 400 21.79 -16.28 9.55
C LEU F 400 22.43 -15.62 10.77
N GLU F 401 23.62 -15.05 10.59
CA GLU F 401 24.33 -14.40 11.69
C GLU F 401 23.63 -13.12 12.20
N ARG F 402 22.82 -12.48 11.35
CA ARG F 402 22.11 -11.25 11.71
C ARG F 402 20.74 -11.47 12.39
N LEU F 403 20.35 -12.74 12.58
CA LEU F 403 19.05 -13.09 13.15
C LEU F 403 18.97 -12.77 14.63
N PRO F 404 17.91 -12.04 15.05
CA PRO F 404 17.88 -11.49 16.42
C PRO F 404 17.48 -12.51 17.48
N VAL F 405 18.19 -12.54 18.60
CA VAL F 405 17.90 -13.48 19.68
C VAL F 405 17.88 -12.85 21.10
N ARG F 406 16.68 -12.64 21.63
CA ARG F 406 16.51 -12.04 22.97
C ARG F 406 16.90 -12.95 24.14
N ARG F 407 16.70 -12.45 25.37
CA ARG F 407 17.15 -13.11 26.61
C ARG F 407 16.34 -14.34 27.01
N GLU F 408 15.13 -14.48 26.44
CA GLU F 408 14.30 -15.66 26.66
C GLU F 408 15.01 -16.95 26.21
N TYR F 409 15.74 -16.85 25.09
CA TYR F 409 16.28 -18.02 24.40
C TYR F 409 17.79 -18.17 24.57
N GLY F 410 18.52 -17.08 24.40
CA GLY F 410 19.97 -17.12 24.46
C GLY F 410 20.56 -15.95 25.23
N PHE F 411 21.42 -16.28 26.19
CA PHE F 411 22.04 -15.30 27.06
C PHE F 411 23.54 -15.52 27.13
N HIS F 412 24.29 -14.50 26.73
CA HIS F 412 25.74 -14.50 26.85
C HIS F 412 26.11 -13.92 28.22
N THR F 413 26.82 -14.71 29.03
CA THR F 413 27.19 -14.29 30.39
C THR F 413 28.63 -13.77 30.46
#